data_5V54
#
_entry.id   5V54
#
_cell.length_a   235.200
_cell.length_b   48.830
_cell.length_c   139.220
_cell.angle_alpha   90.00
_cell.angle_beta   124.07
_cell.angle_gamma   90.00
#
_symmetry.space_group_name_H-M   'C 1 2 1'
#
loop_
_entity.id
_entity.type
_entity.pdbx_description
1 polymer '5-hydroxytryptamine receptor 1B,OB-1 fused 5-HT1b receptor,5-hydroxytryptamine receptor 1B'
2 non-polymer 1-methyl-4-[(5~{S})-3-methylsulfanyl-5,6-dihydrobenzo[b][1]benzothiepin-5-yl]piperazine
#
_entity_poly.entity_id   1
_entity_poly.type   'polypeptide(L)'
_entity_poly.pdbx_seq_one_letter_code
;DYIYQDSISLPWKVLLVMLLALITLATTLSNAFVIATVYRTRKLHTPANYLIASLAVTDLLVSILVMPISTMYTVTGRWT
LGQVVCDFWLSSDITCCTASIWHLCVIALDRYWAITDAVEYSAKRTPKRAAVMIALVWVFSISISLPPFFWRQAKAEEEV
SECVVNTDHILYTVYSTVGAFYFPTLLLIALYGRIYVEARSRIADLEDRWRTLEDNLRVIERAANAAEVREALTRMRAAA
EDAQRATPPALEDRSPASPEMEDFRHGFDILVGQIDDALRLADEGRVAEAQAAAEELRTTRNAYIQKYLMAARERKATKT
LGIILGAFIVCWLPFFIISLVMPICKDACWFHLAIFDFFTWLGYLNSLINPIIYTMSNEDFKQAFHKLIRFKCTS
;
_entity_poly.pdbx_strand_id   A,B
#
loop_
_chem_comp.id
_chem_comp.type
_chem_comp.name
_chem_comp.formula
89F non-polymer 1-methyl-4-[(5~{S})-3-methylsulfanyl-5,6-dihydrobenzo[b][1]benzothiepin-5-yl]piperazine 'C20 H24 N2 S2'
#
# COMPACT_ATOMS: atom_id res chain seq x y z
N TYR A 2 -11.61 11.59 28.78
CA TYR A 2 -11.65 13.04 28.94
C TYR A 2 -11.35 13.69 27.58
N ILE A 3 -12.37 14.33 27.02
CA ILE A 3 -12.28 15.02 25.73
C ILE A 3 -11.52 16.35 25.83
N TYR A 4 -10.39 16.43 25.11
CA TYR A 4 -9.48 17.58 25.15
C TYR A 4 -10.05 18.87 24.55
N GLN A 5 -11.09 18.74 23.74
CA GLN A 5 -11.74 19.91 23.19
C GLN A 5 -12.20 20.83 24.32
N ASP A 6 -12.51 20.25 25.48
CA ASP A 6 -12.90 21.04 26.65
C ASP A 6 -11.74 21.87 27.22
N SER A 7 -10.52 21.35 27.14
CA SER A 7 -9.34 22.08 27.64
C SER A 7 -8.97 23.27 26.75
N ILE A 8 -9.24 23.16 25.44
CA ILE A 8 -8.98 24.24 24.51
C ILE A 8 -9.98 25.38 24.75
N SER A 9 -9.49 26.60 24.94
CA SER A 9 -10.36 27.72 25.30
C SER A 9 -11.19 28.27 24.13
N LEU A 10 -12.25 29.00 24.48
CA LEU A 10 -13.19 29.59 23.52
C LEU A 10 -12.56 30.52 22.44
N PRO A 11 -11.57 31.38 22.82
CA PRO A 11 -10.94 32.22 21.80
C PRO A 11 -10.38 31.41 20.61
N TRP A 12 -9.69 30.32 20.90
CA TRP A 12 -9.13 29.47 19.86
C TRP A 12 -10.20 28.67 19.14
N LYS A 13 -11.23 28.25 19.88
CA LYS A 13 -12.41 27.60 19.28
C LYS A 13 -12.96 28.41 18.12
N VAL A 14 -13.09 29.71 18.34
CA VAL A 14 -13.56 30.66 17.35
C VAL A 14 -12.62 30.76 16.14
N LEU A 15 -11.33 30.89 16.41
CA LEU A 15 -10.31 30.94 15.36
C LEU A 15 -10.35 29.67 14.49
N LEU A 16 -10.67 28.54 15.09
CA LEU A 16 -10.70 27.26 14.37
C LEU A 16 -11.95 27.04 13.53
N VAL A 17 -13.11 27.53 13.99
CA VAL A 17 -14.30 27.50 13.14
C VAL A 17 -14.09 28.45 11.98
N MET A 18 -13.49 29.60 12.30
CA MET A 18 -13.09 30.60 11.31
C MET A 18 -12.16 30.03 10.24
N LEU A 19 -11.09 29.37 10.67
CA LEU A 19 -10.13 28.75 9.76
C LEU A 19 -10.74 27.62 8.92
N LEU A 20 -11.50 26.75 9.57
CA LEU A 20 -12.10 25.60 8.90
C LEU A 20 -13.23 25.98 7.95
N ALA A 21 -14.06 26.94 8.35
CA ALA A 21 -15.10 27.45 7.46
C ALA A 21 -14.51 28.26 6.31
N LEU A 22 -13.33 28.84 6.54
CA LEU A 22 -12.57 29.48 5.47
C LEU A 22 -12.14 28.43 4.44
N ILE A 23 -11.57 27.35 4.93
CA ILE A 23 -11.19 26.21 4.10
C ILE A 23 -12.41 25.60 3.40
N THR A 24 -13.48 25.39 4.17
CA THR A 24 -14.75 24.92 3.63
C THR A 24 -15.26 25.81 2.50
N LEU A 25 -15.13 27.12 2.68
CA LEU A 25 -15.56 28.10 1.68
C LEU A 25 -14.62 28.18 0.47
N ALA A 26 -13.33 28.32 0.75
CA ALA A 26 -12.29 28.33 -0.27
C ALA A 26 -12.42 27.13 -1.20
N THR A 27 -12.81 25.99 -0.64
CA THR A 27 -13.08 24.78 -1.42
C THR A 27 -14.38 24.86 -2.22
N THR A 28 -15.40 25.48 -1.62
CA THR A 28 -16.67 25.71 -2.30
C THR A 28 -16.50 26.69 -3.45
N LEU A 29 -15.66 27.69 -3.24
CA LEU A 29 -15.35 28.70 -4.26
C LEU A 29 -14.44 28.18 -5.37
N SER A 30 -13.35 27.54 -4.98
CA SER A 30 -12.34 27.09 -5.93
C SER A 30 -12.87 26.09 -6.94
N ASN A 31 -13.59 25.08 -6.45
CA ASN A 31 -14.16 24.06 -7.32
C ASN A 31 -15.35 24.57 -8.14
N ALA A 32 -16.11 25.52 -7.60
CA ALA A 32 -17.15 26.17 -8.38
C ALA A 32 -16.53 27.03 -9.49
N PHE A 33 -15.40 27.65 -9.19
CA PHE A 33 -14.66 28.45 -10.17
C PHE A 33 -14.33 27.61 -11.40
N VAL A 34 -13.91 26.36 -11.16
CA VAL A 34 -13.51 25.47 -12.23
C VAL A 34 -14.72 25.01 -13.05
N ILE A 35 -15.75 24.54 -12.36
CA ILE A 35 -16.94 23.97 -13.02
C ILE A 35 -17.62 25.03 -13.90
N ALA A 36 -17.65 26.26 -13.41
CA ALA A 36 -18.23 27.36 -14.17
C ALA A 36 -17.38 27.69 -15.39
N THR A 37 -16.07 27.80 -15.19
CA THR A 37 -15.13 28.10 -16.26
C THR A 37 -15.26 27.11 -17.41
N VAL A 38 -15.35 25.83 -17.08
CA VAL A 38 -15.50 24.77 -18.07
C VAL A 38 -16.81 24.88 -18.85
N TYR A 39 -17.93 24.94 -18.14
CA TYR A 39 -19.23 25.01 -18.79
C TYR A 39 -19.31 26.25 -19.68
N ARG A 40 -18.84 27.38 -19.16
CA ARG A 40 -18.95 28.66 -19.85
C ARG A 40 -17.99 28.82 -21.02
N THR A 41 -16.75 28.36 -20.88
CA THR A 41 -15.80 28.49 -21.98
C THR A 41 -16.07 27.41 -23.03
N ARG A 42 -16.34 27.86 -24.24
CA ARG A 42 -16.68 26.99 -25.37
C ARG A 42 -15.45 26.23 -25.86
N LYS A 43 -14.29 26.87 -25.74
CA LYS A 43 -13.01 26.28 -26.08
C LYS A 43 -12.73 25.01 -25.28
N LEU A 44 -13.17 25.01 -24.03
CA LEU A 44 -12.82 23.96 -23.07
C LEU A 44 -13.77 22.75 -23.05
N HIS A 45 -14.78 22.72 -23.92
CA HIS A 45 -15.71 21.60 -23.89
C HIS A 45 -15.10 20.36 -24.54
N THR A 46 -14.54 19.50 -23.71
CA THR A 46 -13.90 18.25 -24.14
C THR A 46 -14.23 17.15 -23.14
N PRO A 47 -14.26 15.89 -23.58
CA PRO A 47 -14.31 14.75 -22.66
C PRO A 47 -13.21 14.79 -21.60
N ALA A 48 -12.07 15.41 -21.93
CA ALA A 48 -10.97 15.60 -20.99
C ALA A 48 -11.32 16.54 -19.83
N ASN A 49 -11.86 17.71 -20.14
CA ASN A 49 -12.24 18.68 -19.11
C ASN A 49 -13.55 18.36 -18.41
N TYR A 50 -14.36 17.50 -19.05
CA TYR A 50 -15.55 16.96 -18.43
C TYR A 50 -15.17 16.12 -17.20
N LEU A 51 -14.09 15.36 -17.33
CA LEU A 51 -13.53 14.62 -16.20
C LEU A 51 -13.04 15.58 -15.11
N ILE A 52 -12.30 16.59 -15.52
CA ILE A 52 -11.82 17.66 -14.63
C ILE A 52 -12.96 18.40 -13.91
N ALA A 53 -14.09 18.55 -14.59
CA ALA A 53 -15.27 19.17 -14.00
C ALA A 53 -15.86 18.29 -12.91
N SER A 54 -16.08 17.01 -13.22
CA SER A 54 -16.65 16.07 -12.26
C SER A 54 -15.75 15.82 -11.05
N LEU A 55 -14.46 16.10 -11.19
CA LEU A 55 -13.55 16.08 -10.05
C LEU A 55 -13.83 17.27 -9.12
N ALA A 56 -14.00 18.45 -9.71
CA ALA A 56 -14.35 19.64 -8.95
C ALA A 56 -15.75 19.54 -8.34
N VAL A 57 -16.67 18.90 -9.06
CA VAL A 57 -17.99 18.54 -8.52
C VAL A 57 -17.84 17.75 -7.23
N THR A 58 -17.03 16.70 -7.30
CA THR A 58 -16.70 15.86 -6.16
C THR A 58 -16.13 16.67 -4.99
N ASP A 59 -15.08 17.44 -5.26
CA ASP A 59 -14.43 18.27 -4.25
C ASP A 59 -15.34 19.39 -3.72
N LEU A 60 -16.29 19.82 -4.55
CA LEU A 60 -17.31 20.77 -4.13
C LEU A 60 -18.25 20.11 -3.13
N LEU A 61 -18.62 18.86 -3.40
CA LEU A 61 -19.48 18.10 -2.48
C LEU A 61 -18.82 17.78 -1.14
N VAL A 62 -17.50 17.85 -1.08
CA VAL A 62 -16.80 17.76 0.21
C VAL A 62 -16.98 19.06 0.98
N SER A 63 -16.74 20.18 0.30
CA SER A 63 -16.97 21.50 0.88
C SER A 63 -18.44 21.75 1.24
N ILE A 64 -19.32 20.90 0.76
CA ILE A 64 -20.75 20.98 1.06
C ILE A 64 -21.19 19.92 2.07
N LEU A 65 -21.14 18.65 1.66
CA LEU A 65 -21.72 17.56 2.44
C LEU A 65 -20.89 17.19 3.67
N VAL A 66 -19.59 17.50 3.62
CA VAL A 66 -18.63 16.96 4.58
C VAL A 66 -18.04 18.07 5.47
N MET A 67 -17.39 19.04 4.83
CA MET A 67 -16.56 20.04 5.54
C MET A 67 -17.28 20.94 6.56
N PRO A 68 -18.50 21.43 6.27
CA PRO A 68 -19.11 22.25 7.32
C PRO A 68 -19.57 21.45 8.53
N ILE A 69 -19.95 20.20 8.29
CA ILE A 69 -20.37 19.32 9.37
C ILE A 69 -19.16 18.88 10.18
N SER A 70 -18.07 18.58 9.46
CA SER A 70 -16.77 18.35 10.06
C SER A 70 -16.27 19.53 10.90
N THR A 71 -16.47 20.74 10.40
CA THR A 71 -16.04 21.96 11.08
C THR A 71 -16.61 22.02 12.50
N MET A 72 -17.87 21.61 12.62
CA MET A 72 -18.56 21.56 13.90
C MET A 72 -17.97 20.47 14.79
N TYR A 73 -17.98 19.24 14.29
CA TYR A 73 -17.59 18.07 15.06
C TYR A 73 -16.12 18.14 15.52
N THR A 74 -15.29 18.88 14.77
CA THR A 74 -13.88 19.01 15.12
C THR A 74 -13.64 19.99 16.26
N VAL A 75 -14.26 21.17 16.17
CA VAL A 75 -14.02 22.23 17.14
C VAL A 75 -14.64 21.91 18.50
N THR A 76 -15.88 21.41 18.50
CA THR A 76 -16.61 21.09 19.72
C THR A 76 -16.10 19.81 20.36
N GLY A 77 -15.93 18.77 19.54
CA GLY A 77 -15.52 17.46 20.02
C GLY A 77 -16.68 16.54 20.31
N ARG A 78 -17.87 16.92 19.86
CA ARG A 78 -19.05 16.09 20.06
C ARG A 78 -20.02 16.15 18.89
N TRP A 79 -20.71 15.03 18.67
CA TRP A 79 -21.62 14.88 17.55
C TRP A 79 -23.06 14.98 18.05
N THR A 80 -23.71 16.10 17.80
CA THR A 80 -25.02 16.35 18.35
C THR A 80 -26.16 15.96 17.39
N LEU A 81 -25.80 15.52 16.21
CA LEU A 81 -26.75 15.43 15.09
C LEU A 81 -27.50 14.10 15.01
N GLY A 82 -27.09 13.11 15.80
CA GLY A 82 -27.76 11.83 15.83
C GLY A 82 -27.25 10.77 14.88
N GLN A 83 -27.96 9.65 14.82
CA GLN A 83 -27.46 8.44 14.16
C GLN A 83 -27.58 8.48 12.63
N VAL A 84 -28.76 8.85 12.16
CA VAL A 84 -29.05 8.86 10.72
C VAL A 84 -28.23 9.95 10.01
N VAL A 85 -27.80 10.97 10.74
CA VAL A 85 -26.92 11.99 10.19
C VAL A 85 -25.45 11.54 10.15
N CYS A 86 -25.01 10.84 11.19
CA CYS A 86 -23.68 10.23 11.21
C CYS A 86 -23.51 9.25 10.05
N ASP A 87 -24.61 8.58 9.72
CA ASP A 87 -24.66 7.67 8.58
C ASP A 87 -24.33 8.34 7.25
N PHE A 88 -25.14 9.33 6.86
CA PHE A 88 -24.97 10.02 5.59
C PHE A 88 -23.76 10.96 5.56
N TRP A 89 -23.24 11.35 6.71
CA TRP A 89 -22.03 12.18 6.75
C TRP A 89 -20.79 11.38 6.37
N LEU A 90 -20.64 10.20 6.95
CA LEU A 90 -19.56 9.29 6.60
C LEU A 90 -19.72 8.73 5.18
N SER A 91 -20.94 8.30 4.86
CA SER A 91 -21.27 7.80 3.53
C SER A 91 -20.85 8.79 2.44
N SER A 92 -21.33 10.02 2.53
CA SER A 92 -20.93 11.10 1.62
C SER A 92 -19.42 11.40 1.68
N ASP A 93 -18.84 11.35 2.88
CA ASP A 93 -17.41 11.64 3.04
C ASP A 93 -16.56 10.59 2.37
N ILE A 94 -16.86 9.32 2.65
CA ILE A 94 -16.17 8.22 1.99
C ILE A 94 -16.40 8.27 0.48
N THR A 95 -17.66 8.37 0.05
CA THR A 95 -17.99 8.37 -1.38
C THR A 95 -17.34 9.54 -2.13
N CYS A 96 -17.40 10.74 -1.58
CA CYS A 96 -16.81 11.89 -2.26
C CYS A 96 -15.29 11.78 -2.34
N CYS A 97 -14.65 11.58 -1.19
CA CYS A 97 -13.19 11.45 -1.16
C CYS A 97 -12.70 10.27 -2.00
N THR A 98 -13.45 9.17 -2.02
CA THR A 98 -13.16 8.04 -2.91
C THR A 98 -13.27 8.46 -4.37
N ALA A 99 -14.37 9.10 -4.73
CA ALA A 99 -14.58 9.54 -6.11
C ALA A 99 -13.52 10.53 -6.60
N SER A 100 -12.93 11.27 -5.66
CA SER A 100 -11.90 12.25 -6.00
C SER A 100 -10.55 11.59 -6.34
N ILE A 101 -10.27 10.44 -5.74
CA ILE A 101 -9.08 9.67 -6.08
C ILE A 101 -9.30 8.99 -7.43
N TRP A 102 -10.47 8.41 -7.60
CA TRP A 102 -10.83 7.71 -8.84
C TRP A 102 -11.14 8.59 -10.03
N HIS A 103 -11.54 9.84 -9.80
CA HIS A 103 -11.61 10.79 -10.91
C HIS A 103 -10.19 11.15 -11.38
N LEU A 104 -9.26 11.26 -10.44
CA LEU A 104 -7.86 11.45 -10.77
C LEU A 104 -7.31 10.32 -11.64
N CYS A 105 -7.58 9.08 -11.25
CA CYS A 105 -7.06 7.93 -11.98
C CYS A 105 -7.72 7.77 -13.35
N VAL A 106 -9.03 8.02 -13.41
CA VAL A 106 -9.75 8.03 -14.68
C VAL A 106 -9.22 9.17 -15.59
N ILE A 107 -8.76 10.25 -14.96
CA ILE A 107 -8.07 11.32 -15.70
C ILE A 107 -6.73 10.80 -16.26
N ALA A 108 -5.89 10.23 -15.40
CA ALA A 108 -4.62 9.69 -15.84
C ALA A 108 -4.78 8.47 -16.77
N LEU A 109 -5.89 7.76 -16.64
CA LEU A 109 -6.21 6.67 -17.58
C LEU A 109 -6.55 7.21 -18.97
N ASP A 110 -7.24 8.34 -19.00
CA ASP A 110 -7.50 9.04 -20.25
C ASP A 110 -6.19 9.58 -20.82
N ARG A 111 -5.32 10.08 -19.96
CA ARG A 111 -4.00 10.56 -20.38
C ARG A 111 -3.06 9.44 -20.82
N TYR A 112 -3.28 8.23 -20.32
CA TYR A 112 -2.52 7.08 -20.77
C TYR A 112 -2.99 6.61 -22.14
N TRP A 113 -4.31 6.48 -22.29
CA TRP A 113 -4.91 6.15 -23.58
C TRP A 113 -4.75 7.27 -24.61
N ALA A 114 -4.58 8.51 -24.14
CA ALA A 114 -4.35 9.64 -25.03
C ALA A 114 -2.94 9.66 -25.63
N ILE A 115 -2.02 8.92 -25.02
CA ILE A 115 -0.63 8.95 -25.46
C ILE A 115 -0.20 7.64 -26.11
N THR A 116 -0.25 6.54 -25.37
CA THR A 116 0.19 5.23 -25.85
C THR A 116 -0.72 4.65 -26.94
N ASP A 117 -2.03 4.75 -26.72
CA ASP A 117 -3.05 4.37 -27.69
C ASP A 117 -3.60 5.57 -28.46
N ALA A 118 -2.78 6.63 -28.54
CA ALA A 118 -3.15 7.90 -29.16
C ALA A 118 -3.86 7.72 -30.51
N VAL A 119 -3.41 6.73 -31.27
CA VAL A 119 -4.04 6.40 -32.54
C VAL A 119 -5.46 5.86 -32.35
N GLU A 120 -5.58 4.87 -31.47
CA GLU A 120 -6.85 4.17 -31.25
C GLU A 120 -7.89 5.00 -30.50
N TYR A 121 -7.50 5.51 -29.33
CA TYR A 121 -8.44 6.15 -28.40
C TYR A 121 -8.96 7.52 -28.81
N SER A 122 -8.29 8.18 -29.75
CA SER A 122 -8.81 9.44 -30.26
C SER A 122 -10.19 9.29 -30.91
N ALA A 123 -10.44 8.12 -31.48
CA ALA A 123 -11.75 7.77 -32.02
C ALA A 123 -12.72 7.25 -30.95
N LYS A 124 -12.20 6.41 -30.06
CA LYS A 124 -12.99 5.85 -28.96
C LYS A 124 -13.44 6.90 -27.95
N ARG A 125 -12.58 7.90 -27.69
CA ARG A 125 -12.90 8.90 -26.68
C ARG A 125 -14.01 9.82 -27.17
N THR A 126 -15.18 9.65 -26.55
CA THR A 126 -16.32 10.55 -26.73
C THR A 126 -16.64 11.15 -25.37
N PRO A 127 -17.60 12.09 -25.31
CA PRO A 127 -18.18 12.43 -24.01
C PRO A 127 -18.85 11.24 -23.33
N LYS A 128 -19.53 10.38 -24.09
CA LYS A 128 -20.10 9.14 -23.56
C LYS A 128 -19.10 8.25 -22.83
N ARG A 129 -17.93 8.10 -23.43
CA ARG A 129 -16.85 7.30 -22.86
C ARG A 129 -16.34 7.97 -21.57
N ALA A 130 -16.12 9.28 -21.62
CA ALA A 130 -15.80 10.05 -20.41
C ALA A 130 -16.89 9.98 -19.33
N ALA A 131 -18.16 9.98 -19.77
CA ALA A 131 -19.31 9.95 -18.86
C ALA A 131 -19.53 8.63 -18.12
N VAL A 132 -19.47 7.52 -18.86
CA VAL A 132 -19.61 6.20 -18.26
C VAL A 132 -18.54 5.96 -17.20
N MET A 133 -17.35 6.49 -17.45
CA MET A 133 -16.24 6.44 -16.51
C MET A 133 -16.56 7.23 -15.23
N ILE A 134 -17.12 8.43 -15.40
CA ILE A 134 -17.59 9.24 -14.27
C ILE A 134 -18.56 8.45 -13.41
N ALA A 135 -19.49 7.77 -14.08
CA ALA A 135 -20.55 7.00 -13.42
C ALA A 135 -20.00 5.86 -12.57
N LEU A 136 -19.07 5.11 -13.14
CA LEU A 136 -18.44 4.00 -12.43
C LEU A 136 -17.62 4.51 -11.25
N VAL A 137 -17.02 5.69 -11.39
CA VAL A 137 -16.30 6.34 -10.29
C VAL A 137 -17.20 6.56 -9.07
N TRP A 138 -18.33 7.24 -9.28
CA TRP A 138 -19.31 7.46 -8.22
C TRP A 138 -19.84 6.12 -7.67
N VAL A 139 -20.25 5.23 -8.56
CA VAL A 139 -20.80 3.92 -8.20
C VAL A 139 -19.88 3.07 -7.32
N PHE A 140 -18.59 3.11 -7.61
CA PHE A 140 -17.59 2.41 -6.80
C PHE A 140 -17.50 3.04 -5.42
N SER A 141 -17.35 4.36 -5.42
CA SER A 141 -17.31 5.16 -4.20
C SER A 141 -18.51 4.93 -3.27
N ILE A 142 -19.68 4.74 -3.87
CA ILE A 142 -20.89 4.37 -3.13
C ILE A 142 -20.77 2.98 -2.48
N SER A 143 -20.53 1.96 -3.29
CA SER A 143 -20.43 0.58 -2.81
C SER A 143 -19.23 0.34 -1.88
N ILE A 144 -18.39 1.35 -1.71
CA ILE A 144 -17.41 1.36 -0.61
C ILE A 144 -18.08 1.81 0.71
N SER A 145 -18.96 2.80 0.64
CA SER A 145 -19.68 3.25 1.83
C SER A 145 -20.90 2.38 2.21
N LEU A 146 -21.38 1.57 1.27
CA LEU A 146 -22.54 0.68 1.49
C LEU A 146 -22.42 -0.53 2.45
N PRO A 147 -21.24 -1.18 2.53
CA PRO A 147 -21.14 -2.34 3.44
C PRO A 147 -21.35 -2.10 4.94
N PRO A 148 -20.77 -1.03 5.55
CA PRO A 148 -21.05 -0.84 6.97
C PRO A 148 -22.55 -0.91 7.30
N PHE A 149 -23.36 -0.28 6.45
CA PHE A 149 -24.79 -0.16 6.68
C PHE A 149 -25.58 -1.41 6.30
N PHE A 150 -25.10 -2.15 5.32
CA PHE A 150 -25.72 -3.43 5.00
C PHE A 150 -25.60 -4.36 6.17
N TRP A 151 -24.45 -4.26 6.84
CA TRP A 151 -24.25 -5.14 7.94
C TRP A 151 -24.87 -4.70 9.25
N ARG A 152 -24.97 -3.39 9.50
CA ARG A 152 -25.53 -2.98 10.78
C ARG A 152 -27.02 -3.30 10.91
N GLN A 153 -27.67 -3.50 9.76
CA GLN A 153 -29.08 -3.84 9.69
C GLN A 153 -29.37 -5.22 10.28
N ALA A 154 -28.38 -6.09 10.14
CA ALA A 154 -28.41 -7.46 10.62
C ALA A 154 -28.52 -7.48 12.14
N LYS A 155 -27.71 -6.67 12.80
CA LYS A 155 -27.71 -6.60 14.25
C LYS A 155 -28.57 -5.48 14.76
N SER A 161 -23.25 10.17 20.27
CA SER A 161 -22.32 11.10 20.89
C SER A 161 -21.01 11.20 20.11
N GLU A 162 -20.77 10.26 19.20
CA GLU A 162 -19.53 10.26 18.44
C GLU A 162 -19.74 9.64 17.05
N CYS A 163 -18.97 10.14 16.08
CA CYS A 163 -19.07 9.66 14.71
C CYS A 163 -17.70 9.35 14.09
N VAL A 164 -17.37 8.06 14.00
CA VAL A 164 -16.19 7.56 13.28
C VAL A 164 -16.60 6.25 12.61
N VAL A 165 -15.81 5.84 11.61
CA VAL A 165 -16.01 4.63 10.82
C VAL A 165 -16.04 3.31 11.59
N ASN A 166 -16.73 2.33 11.01
CA ASN A 166 -16.87 1.00 11.61
C ASN A 166 -15.56 0.22 11.63
N THR A 167 -15.14 -0.17 12.82
CA THR A 167 -14.00 -1.05 13.01
C THR A 167 -14.38 -2.49 13.35
N ASP A 168 -15.68 -2.82 13.27
CA ASP A 168 -16.13 -4.16 13.66
C ASP A 168 -15.54 -5.18 12.70
N HIS A 169 -15.86 -5.06 11.42
CA HIS A 169 -15.20 -5.91 10.44
C HIS A 169 -13.83 -5.38 10.10
N ILE A 170 -12.80 -6.14 10.46
CA ILE A 170 -11.45 -5.83 10.05
C ILE A 170 -11.36 -6.04 8.53
N LEU A 171 -12.19 -6.95 8.03
CA LEU A 171 -12.23 -7.31 6.63
C LEU A 171 -12.46 -6.09 5.74
N TYR A 172 -13.46 -5.29 6.12
CA TYR A 172 -13.84 -4.09 5.40
C TYR A 172 -13.23 -2.82 5.99
N THR A 173 -12.49 -2.97 7.08
CA THR A 173 -11.62 -1.90 7.54
C THR A 173 -10.51 -1.80 6.50
N VAL A 174 -9.94 -2.96 6.16
CA VAL A 174 -8.86 -3.03 5.18
C VAL A 174 -9.33 -2.79 3.74
N TYR A 175 -10.31 -3.61 3.32
CA TYR A 175 -10.87 -3.58 1.97
C TYR A 175 -11.23 -2.15 1.55
N SER A 176 -11.80 -1.39 2.48
CA SER A 176 -12.13 0.01 2.23
C SER A 176 -10.87 0.85 2.11
N THR A 177 -9.99 0.73 3.11
CA THR A 177 -8.75 1.49 3.16
C THR A 177 -7.93 1.31 1.87
N VAL A 178 -7.85 0.06 1.40
CA VAL A 178 -7.05 -0.28 0.22
C VAL A 178 -7.78 0.04 -1.07
N GLY A 179 -8.94 -0.59 -1.27
CA GLY A 179 -9.74 -0.39 -2.46
C GLY A 179 -10.04 1.06 -2.80
N ALA A 180 -10.27 1.88 -1.79
CA ALA A 180 -10.57 3.29 -2.00
C ALA A 180 -9.34 4.20 -2.08
N PHE A 181 -8.33 3.97 -1.23
CA PHE A 181 -7.14 4.83 -1.22
C PHE A 181 -5.93 4.14 -1.84
N TYR A 182 -5.42 3.11 -1.16
CA TYR A 182 -4.14 2.50 -1.54
C TYR A 182 -4.13 2.01 -2.99
N PHE A 183 -5.12 1.23 -3.40
CA PHE A 183 -5.15 0.64 -4.74
C PHE A 183 -5.10 1.70 -5.88
N PRO A 184 -6.05 2.65 -5.91
CA PRO A 184 -6.01 3.66 -6.98
C PRO A 184 -4.90 4.71 -6.86
N THR A 185 -4.37 4.91 -5.65
CA THR A 185 -3.23 5.82 -5.47
C THR A 185 -1.98 5.22 -6.10
N LEU A 186 -1.72 3.95 -5.77
CA LEU A 186 -0.62 3.21 -6.36
C LEU A 186 -0.83 3.03 -7.88
N LEU A 187 -2.09 2.99 -8.30
CA LEU A 187 -2.44 3.01 -9.71
C LEU A 187 -1.95 4.30 -10.37
N LEU A 188 -2.27 5.42 -9.75
CA LEU A 188 -1.83 6.72 -10.24
C LEU A 188 -0.31 6.92 -10.21
N ILE A 189 0.35 6.41 -9.17
CA ILE A 189 1.81 6.48 -9.11
C ILE A 189 2.42 5.67 -10.26
N ALA A 190 1.78 4.57 -10.60
CA ALA A 190 2.21 3.73 -11.72
C ALA A 190 1.91 4.37 -13.07
N LEU A 191 0.73 4.97 -13.19
CA LEU A 191 0.34 5.70 -14.40
C LEU A 191 1.12 6.99 -14.63
N TYR A 192 1.70 7.53 -13.56
CA TYR A 192 2.57 8.70 -13.69
C TYR A 192 3.97 8.31 -14.17
N GLY A 193 4.56 7.33 -13.50
CA GLY A 193 5.84 6.79 -13.91
C GLY A 193 5.81 6.22 -15.32
N ARG A 194 4.64 5.75 -15.72
CA ARG A 194 4.38 5.34 -17.10
C ARG A 194 4.55 6.51 -18.05
N ILE A 195 3.74 7.55 -17.84
CA ILE A 195 3.63 8.65 -18.77
C ILE A 195 4.77 9.67 -18.61
N TYR A 196 5.38 9.72 -17.43
CA TYR A 196 6.54 10.58 -17.24
C TYR A 196 7.70 10.14 -18.13
N VAL A 197 7.94 8.84 -18.19
CA VAL A 197 8.97 8.27 -19.04
C VAL A 197 8.56 8.28 -20.53
N GLU A 198 7.29 7.98 -20.78
CA GLU A 198 6.69 8.09 -22.10
C GLU A 198 6.88 9.48 -22.74
N ALA A 199 6.80 10.52 -21.92
CA ALA A 199 7.04 11.89 -22.38
C ALA A 199 8.52 12.13 -22.63
N ARG A 200 9.34 11.75 -21.64
CA ARG A 200 10.80 11.75 -21.75
C ARG A 200 11.30 11.02 -23.00
N SER A 201 10.59 9.96 -23.39
CA SER A 201 10.94 9.18 -24.57
C SER A 201 10.67 9.96 -25.85
N ARG A 202 9.47 10.51 -25.99
CA ARG A 202 9.10 11.17 -27.24
C ARG A 202 9.82 12.50 -27.42
N ILE A 203 10.28 13.11 -26.33
CA ILE A 203 11.10 14.30 -26.47
C ILE A 203 12.53 13.86 -26.88
N ALA A 204 13.04 12.77 -26.31
CA ALA A 204 14.39 12.26 -26.63
C ALA A 204 14.50 11.79 -28.07
N ASP A 205 13.45 11.15 -28.57
CA ASP A 205 13.34 10.76 -29.98
C ASP A 205 13.69 11.93 -30.88
N LEU A 206 12.95 13.01 -30.68
CA LEU A 206 13.01 14.19 -31.54
C LEU A 206 14.09 15.17 -31.12
N GLU A 207 14.56 15.06 -29.87
CA GLU A 207 15.75 15.80 -29.44
C GLU A 207 16.98 15.20 -30.12
N ASP A 208 16.93 13.90 -30.38
CA ASP A 208 17.97 13.22 -31.14
C ASP A 208 17.89 13.56 -32.64
N ARG A 209 16.67 13.65 -33.17
CA ARG A 209 16.45 14.05 -34.57
C ARG A 209 16.95 15.48 -34.83
N TRP A 210 16.92 16.31 -33.80
CA TRP A 210 17.45 17.67 -33.86
C TRP A 210 18.97 17.62 -34.00
N ARG A 211 19.58 16.69 -33.28
CA ARG A 211 21.03 16.50 -33.32
C ARG A 211 21.51 15.91 -34.65
N THR A 212 20.64 15.14 -35.30
CA THR A 212 20.93 14.59 -36.63
C THR A 212 21.02 15.68 -37.69
N LEU A 213 19.95 16.47 -37.78
CA LEU A 213 19.84 17.50 -38.81
C LEU A 213 20.80 18.66 -38.56
N GLU A 214 21.25 18.81 -37.33
CA GLU A 214 22.24 19.85 -36.99
C GLU A 214 23.65 19.45 -37.43
N ASP A 215 24.04 18.21 -37.15
CA ASP A 215 25.36 17.72 -37.53
C ASP A 215 25.52 17.59 -39.04
N ASN A 216 24.48 17.09 -39.70
CA ASN A 216 24.51 16.92 -41.15
C ASN A 216 24.52 18.26 -41.90
N LEU A 217 24.12 19.31 -41.21
CA LEU A 217 24.25 20.67 -41.74
C LEU A 217 25.68 21.20 -41.57
N ARG A 218 26.35 20.78 -40.51
CA ARG A 218 27.78 21.07 -40.35
C ARG A 218 28.56 20.36 -41.45
N VAL A 219 28.18 19.12 -41.70
CA VAL A 219 28.81 18.28 -42.71
C VAL A 219 28.68 18.93 -44.08
N ILE A 220 27.45 19.17 -44.50
CA ILE A 220 27.18 19.76 -45.81
C ILE A 220 27.86 21.14 -45.93
N GLU A 221 27.99 21.86 -44.82
CA GLU A 221 28.74 23.11 -44.84
C GLU A 221 30.25 22.86 -44.92
N ARG A 222 30.71 21.75 -44.36
CA ARG A 222 32.12 21.36 -44.47
C ARG A 222 32.35 20.33 -45.58
N ALA A 223 31.28 19.91 -46.25
CA ALA A 223 31.35 18.87 -47.29
C ALA A 223 32.00 19.36 -48.58
N ALA A 224 32.93 18.56 -49.10
CA ALA A 224 33.59 18.86 -50.36
C ALA A 224 33.15 18.05 -51.59
N ASN A 225 32.17 17.14 -51.44
CA ASN A 225 31.81 16.26 -52.56
C ASN A 225 30.33 15.85 -52.66
N ALA A 226 29.90 15.47 -53.86
CA ALA A 226 28.52 15.07 -54.13
C ALA A 226 28.15 13.74 -53.46
N ALA A 227 29.15 12.89 -53.23
CA ALA A 227 28.92 11.63 -52.56
C ALA A 227 28.66 11.85 -51.07
N GLU A 228 29.44 12.76 -50.48
CA GLU A 228 29.32 13.10 -49.06
C GLU A 228 28.06 13.92 -48.78
N VAL A 229 27.65 14.73 -49.77
CA VAL A 229 26.44 15.53 -49.65
C VAL A 229 25.18 14.67 -49.79
N ARG A 230 25.13 13.84 -50.84
CA ARG A 230 23.97 12.96 -51.06
C ARG A 230 23.81 11.91 -49.98
N GLU A 231 24.94 11.46 -49.41
CA GLU A 231 24.91 10.57 -48.26
C GLU A 231 24.26 11.26 -47.06
N ALA A 232 24.58 12.54 -46.89
CA ALA A 232 24.01 13.35 -45.82
C ALA A 232 22.51 13.59 -46.02
N LEU A 233 22.12 13.88 -47.25
CA LEU A 233 20.72 14.17 -47.59
C LEU A 233 19.80 12.97 -47.41
N THR A 234 20.31 11.76 -47.68
CA THR A 234 19.53 10.53 -47.54
C THR A 234 19.19 10.26 -46.08
N ARG A 235 20.17 10.48 -45.20
CA ARG A 235 19.99 10.29 -43.77
C ARG A 235 19.13 11.40 -43.15
N MET A 236 19.12 12.57 -43.78
CA MET A 236 18.26 13.67 -43.33
C MET A 236 16.80 13.42 -43.76
N ARG A 237 16.62 12.78 -44.92
CA ARG A 237 15.31 12.38 -45.40
C ARG A 237 14.68 11.32 -44.50
N ALA A 238 15.45 10.26 -44.24
CA ALA A 238 15.00 9.14 -43.42
C ALA A 238 14.83 9.53 -41.96
N ALA A 239 15.46 10.62 -41.54
CA ALA A 239 15.28 11.14 -40.19
C ALA A 239 13.91 11.78 -40.08
N ALA A 240 13.50 12.49 -41.13
CA ALA A 240 12.17 13.08 -41.20
C ALA A 240 11.08 12.02 -41.37
N GLU A 241 11.40 10.95 -42.10
CA GLU A 241 10.46 9.83 -42.28
C GLU A 241 10.31 9.01 -40.99
N ASP A 242 11.42 8.80 -40.29
CA ASP A 242 11.41 8.10 -39.01
C ASP A 242 10.95 9.01 -37.87
N ALA A 243 10.94 10.32 -38.12
CA ALA A 243 10.34 11.27 -37.19
C ALA A 243 8.82 11.23 -37.34
N GLN A 244 8.37 10.81 -38.52
CA GLN A 244 6.95 10.72 -38.83
C GLN A 244 6.27 9.44 -38.30
N ARG A 245 7.04 8.39 -38.02
CA ARG A 245 6.47 7.22 -37.38
C ARG A 245 6.11 7.57 -35.94
N ALA A 246 6.90 8.45 -35.34
CA ALA A 246 6.71 8.91 -33.97
C ALA A 246 5.92 10.22 -33.91
N THR A 247 4.71 10.16 -33.36
CA THR A 247 3.84 11.33 -33.25
C THR A 247 4.15 12.08 -31.93
N PRO A 248 4.18 13.43 -31.96
CA PRO A 248 4.54 14.27 -30.81
C PRO A 248 3.51 14.27 -29.67
N PRO A 249 3.98 14.33 -28.40
CA PRO A 249 3.13 14.18 -27.21
C PRO A 249 2.19 15.36 -26.87
N ALA A 250 2.58 16.59 -27.14
CA ALA A 250 1.73 17.74 -26.85
C ALA A 250 0.48 17.70 -27.72
N LEU A 251 0.66 17.26 -28.96
CA LEU A 251 -0.41 17.21 -29.95
C LEU A 251 -1.22 15.92 -29.95
N GLU A 252 -0.69 14.87 -29.32
CA GLU A 252 -1.44 13.62 -29.19
C GLU A 252 -2.51 13.81 -28.12
N ASP A 253 -2.21 14.67 -27.16
CA ASP A 253 -3.17 15.07 -26.13
C ASP A 253 -4.17 16.05 -26.71
N ARG A 254 -3.73 16.84 -27.69
CA ARG A 254 -4.63 17.64 -28.51
C ARG A 254 -5.39 16.69 -29.41
N SER A 255 -6.27 17.21 -30.26
CA SER A 255 -6.87 16.37 -31.30
C SER A 255 -5.76 16.03 -32.29
N PRO A 256 -5.70 14.76 -32.74
CA PRO A 256 -4.66 14.30 -33.67
C PRO A 256 -4.56 15.12 -34.97
N ALA A 257 -5.70 15.61 -35.44
CA ALA A 257 -5.81 16.39 -36.68
C ALA A 257 -5.73 17.91 -36.48
N SER A 258 -5.27 18.35 -35.31
CA SER A 258 -5.20 19.79 -34.98
C SER A 258 -4.42 20.64 -35.99
N PRO A 259 -4.75 21.94 -36.08
CA PRO A 259 -4.02 22.89 -36.94
C PRO A 259 -2.52 23.00 -36.62
N GLU A 260 -2.15 22.92 -35.35
CA GLU A 260 -0.73 22.95 -34.97
C GLU A 260 0.01 21.69 -35.45
N MET A 261 -0.68 20.55 -35.42
CA MET A 261 -0.11 19.26 -35.82
C MET A 261 0.14 19.18 -37.32
N GLU A 262 -0.82 19.64 -38.12
CA GLU A 262 -0.66 19.68 -39.56
C GLU A 262 0.48 20.62 -39.96
N ASP A 263 0.74 21.64 -39.15
CA ASP A 263 1.82 22.58 -39.43
C ASP A 263 3.21 21.99 -39.24
N PHE A 264 3.35 21.05 -38.32
CA PHE A 264 4.62 20.34 -38.14
C PHE A 264 4.76 19.15 -39.10
N ARG A 265 3.65 18.57 -39.53
CA ARG A 265 3.69 17.50 -40.52
C ARG A 265 3.89 18.08 -41.93
N HIS A 266 3.25 19.21 -42.21
CA HIS A 266 3.46 19.93 -43.47
C HIS A 266 4.84 20.59 -43.48
N GLY A 267 5.33 20.94 -42.29
CA GLY A 267 6.67 21.46 -42.13
C GLY A 267 7.73 20.41 -42.42
N PHE A 268 7.39 19.15 -42.16
CA PHE A 268 8.24 18.02 -42.54
C PHE A 268 8.19 17.80 -44.05
N ASP A 269 7.01 17.94 -44.65
CA ASP A 269 6.84 17.77 -46.11
C ASP A 269 7.60 18.86 -46.88
N ILE A 270 7.64 20.05 -46.31
CA ILE A 270 8.41 21.16 -46.88
C ILE A 270 9.91 20.87 -46.84
N LEU A 271 10.42 20.53 -45.66
CA LEU A 271 11.84 20.24 -45.46
C LEU A 271 12.32 19.03 -46.28
N VAL A 272 11.48 18.01 -46.41
CA VAL A 272 11.81 16.84 -47.23
C VAL A 272 11.75 17.19 -48.72
N GLY A 273 10.80 18.05 -49.07
CA GLY A 273 10.72 18.58 -50.42
C GLY A 273 11.99 19.35 -50.78
N GLN A 274 12.55 20.03 -49.79
CA GLN A 274 13.81 20.75 -49.94
C GLN A 274 15.00 19.79 -50.11
N ILE A 275 14.94 18.65 -49.42
CA ILE A 275 15.96 17.61 -49.54
C ILE A 275 15.88 16.91 -50.90
N ASP A 276 14.67 16.83 -51.46
CA ASP A 276 14.47 16.19 -52.76
C ASP A 276 15.05 17.02 -53.91
N ASP A 277 15.10 18.33 -53.77
CA ASP A 277 15.67 19.19 -54.81
C ASP A 277 17.20 19.16 -54.76
N ALA A 278 17.76 19.20 -53.57
CA ALA A 278 19.21 19.18 -53.39
C ALA A 278 19.84 17.84 -53.77
N LEU A 279 19.06 16.77 -53.78
CA LEU A 279 19.50 15.46 -54.29
C LEU A 279 19.46 15.43 -55.82
N ARG A 280 18.35 15.93 -56.37
CA ARG A 280 18.16 16.08 -57.81
C ARG A 280 19.15 17.09 -58.38
N LEU A 281 19.58 18.02 -57.53
CA LEU A 281 20.58 19.04 -57.86
C LEU A 281 21.96 18.42 -58.05
N ALA A 282 22.27 17.41 -57.26
CA ALA A 282 23.56 16.70 -57.36
C ALA A 282 23.64 15.84 -58.62
N ASP A 283 22.50 15.34 -59.09
CA ASP A 283 22.46 14.54 -60.32
C ASP A 283 22.80 15.39 -61.55
N GLU A 284 22.32 16.63 -61.56
CA GLU A 284 22.64 17.59 -62.61
C GLU A 284 24.12 17.98 -62.58
N GLY A 285 24.75 17.78 -61.43
CA GLY A 285 26.17 18.06 -61.27
C GLY A 285 26.46 19.37 -60.53
N ARG A 286 25.40 20.00 -60.03
CA ARG A 286 25.54 21.23 -59.26
C ARG A 286 25.55 20.93 -57.76
N VAL A 287 26.67 21.22 -57.11
CA VAL A 287 26.86 20.90 -55.69
C VAL A 287 26.80 22.17 -54.82
N ALA A 288 27.68 23.12 -55.09
CA ALA A 288 27.74 24.37 -54.34
C ALA A 288 26.44 25.17 -54.36
N GLU A 289 25.54 24.82 -55.28
CA GLU A 289 24.19 25.37 -55.29
C GLU A 289 23.34 24.68 -54.22
N ALA A 290 23.60 23.40 -53.97
CA ALA A 290 22.94 22.68 -52.88
C ALA A 290 23.44 23.16 -51.53
N GLN A 291 24.61 23.80 -51.51
CA GLN A 291 25.14 24.44 -50.30
C GLN A 291 24.56 25.83 -50.08
N ALA A 292 24.06 26.44 -51.15
CA ALA A 292 23.23 27.63 -51.02
C ALA A 292 21.84 27.18 -50.60
N ALA A 293 21.49 25.96 -51.00
CA ALA A 293 20.24 25.33 -50.59
C ALA A 293 20.30 24.81 -49.16
N ALA A 294 21.51 24.54 -48.66
CA ALA A 294 21.70 24.07 -47.30
C ALA A 294 21.62 25.22 -46.30
N GLU A 295 22.11 26.38 -46.70
CA GLU A 295 21.95 27.61 -45.96
C GLU A 295 20.46 27.95 -45.86
N GLU A 296 19.74 27.65 -46.94
CA GLU A 296 18.30 27.86 -46.99
C GLU A 296 17.59 26.95 -46.00
N LEU A 297 18.08 25.73 -45.88
CA LEU A 297 17.49 24.73 -44.98
C LEU A 297 17.55 25.13 -43.50
N ARG A 298 18.65 25.76 -43.10
CA ARG A 298 18.85 26.13 -41.71
C ARG A 298 17.84 27.18 -41.23
N THR A 299 17.59 28.18 -42.05
CA THR A 299 16.67 29.26 -41.70
C THR A 299 15.25 28.73 -41.53
N THR A 300 14.82 27.88 -42.46
CA THR A 300 13.49 27.29 -42.40
C THR A 300 13.34 26.39 -41.18
N ARG A 301 14.37 25.58 -40.91
CA ARG A 301 14.33 24.65 -39.80
C ARG A 301 14.23 25.33 -38.44
N ASN A 302 14.97 26.41 -38.25
CA ASN A 302 14.97 27.11 -36.96
C ASN A 302 13.61 27.67 -36.56
N ALA A 303 12.90 28.27 -37.51
CA ALA A 303 11.58 28.83 -37.24
C ALA A 303 10.60 27.72 -36.88
N TYR A 304 10.65 26.62 -37.64
CA TYR A 304 9.75 25.49 -37.42
C TYR A 304 10.09 24.75 -36.13
N ILE A 305 11.38 24.63 -35.82
CA ILE A 305 11.80 23.86 -34.64
C ILE A 305 11.66 24.64 -33.33
N GLN A 306 11.89 25.97 -33.36
CA GLN A 306 11.74 26.79 -32.15
C GLN A 306 10.27 26.89 -31.74
N LYS A 307 9.37 26.80 -32.71
CA LYS A 307 7.94 26.78 -32.45
C LYS A 307 7.47 25.42 -31.99
N TYR A 308 8.00 24.36 -32.60
CA TYR A 308 7.69 23.02 -32.12
C TYR A 308 8.42 22.77 -30.80
N LEU A 309 9.48 23.53 -30.52
CA LEU A 309 10.10 23.48 -29.20
C LEU A 309 9.14 24.14 -28.20
N MET A 310 8.08 23.37 -27.95
CA MET A 310 7.02 23.51 -26.95
C MET A 310 6.81 22.14 -26.31
N ALA A 311 7.45 21.13 -26.88
CA ALA A 311 7.64 19.85 -26.20
C ALA A 311 8.36 19.98 -24.86
N ALA A 312 9.16 21.02 -24.69
CA ALA A 312 9.74 21.24 -23.37
C ALA A 312 8.58 21.56 -22.45
N ARG A 313 7.44 21.92 -23.05
CA ARG A 313 6.24 22.22 -22.28
C ARG A 313 5.37 20.99 -21.99
N GLU A 314 5.26 20.05 -22.93
CA GLU A 314 4.45 18.83 -22.75
C GLU A 314 4.84 17.91 -21.60
N ARG A 315 6.14 17.69 -21.45
CA ARG A 315 6.65 16.92 -20.32
C ARG A 315 6.30 17.59 -19.02
N LYS A 316 6.37 18.92 -19.02
CA LYS A 316 6.06 19.69 -17.82
C LYS A 316 4.57 19.73 -17.50
N ALA A 317 3.72 19.67 -18.52
CA ALA A 317 2.29 19.55 -18.31
C ALA A 317 1.89 18.21 -17.70
N THR A 318 2.77 17.22 -17.86
CA THR A 318 2.67 15.97 -17.11
C THR A 318 3.07 16.16 -15.66
N LYS A 319 4.18 16.88 -15.45
CA LYS A 319 4.70 17.17 -14.11
C LYS A 319 3.66 17.84 -13.21
N THR A 320 2.72 18.56 -13.80
CA THR A 320 1.65 19.18 -13.02
C THR A 320 0.74 18.12 -12.39
N LEU A 321 0.50 17.01 -13.09
CA LEU A 321 -0.18 15.87 -12.47
C LEU A 321 0.68 15.24 -11.38
N GLY A 322 2.00 15.25 -11.59
CA GLY A 322 2.95 14.87 -10.56
C GLY A 322 2.90 15.72 -9.30
N ILE A 323 2.60 17.00 -9.42
CA ILE A 323 2.44 17.86 -8.26
C ILE A 323 1.10 17.59 -7.57
N ILE A 324 0.08 17.30 -8.38
CA ILE A 324 -1.20 16.83 -7.85
C ILE A 324 -1.07 15.51 -7.10
N LEU A 325 -0.50 14.50 -7.76
CA LEU A 325 -0.18 13.23 -7.12
C LEU A 325 0.62 13.46 -5.84
N GLY A 326 1.64 14.32 -5.92
CA GLY A 326 2.47 14.66 -4.78
C GLY A 326 1.72 15.30 -3.61
N ALA A 327 0.95 16.34 -3.90
CA ALA A 327 0.10 16.99 -2.90
C ALA A 327 -0.97 16.06 -2.35
N PHE A 328 -1.72 15.44 -3.25
CA PHE A 328 -2.77 14.47 -2.92
C PHE A 328 -2.31 13.44 -1.90
N ILE A 329 -1.12 12.90 -2.13
CA ILE A 329 -0.56 11.89 -1.26
C ILE A 329 -0.20 12.51 0.09
N VAL A 330 0.60 13.58 0.08
CA VAL A 330 0.96 14.31 1.29
C VAL A 330 -0.27 14.71 2.11
N CYS A 331 -1.37 15.04 1.42
CA CYS A 331 -2.63 15.33 2.11
C CYS A 331 -3.21 14.11 2.83
N TRP A 332 -3.52 13.06 2.07
CA TRP A 332 -4.22 11.89 2.60
C TRP A 332 -3.33 10.82 3.26
N LEU A 333 -2.16 10.54 2.71
CA LEU A 333 -1.31 9.47 3.25
C LEU A 333 -1.12 9.55 4.78
N PRO A 334 -0.68 10.70 5.34
CA PRO A 334 -0.55 10.81 6.80
C PRO A 334 -1.79 10.37 7.59
N PHE A 335 -2.99 10.61 7.06
CA PHE A 335 -4.22 10.09 7.63
C PHE A 335 -4.15 8.55 7.63
N PHE A 336 -3.80 7.97 6.48
CA PHE A 336 -3.70 6.51 6.32
C PHE A 336 -2.47 5.87 6.96
N ILE A 337 -1.41 6.67 7.18
CA ILE A 337 -0.30 6.22 8.01
C ILE A 337 -0.83 6.05 9.43
N ILE A 338 -1.36 7.14 9.98
CA ILE A 338 -1.77 7.24 11.37
C ILE A 338 -2.94 6.32 11.72
N SER A 339 -3.89 6.17 10.80
CA SER A 339 -5.08 5.34 11.02
C SER A 339 -4.74 3.89 11.38
N LEU A 340 -3.67 3.38 10.80
CA LEU A 340 -3.25 2.01 11.05
C LEU A 340 -2.46 1.93 12.38
N VAL A 341 -1.74 3.00 12.71
CA VAL A 341 -1.02 3.04 14.00
C VAL A 341 -1.85 3.47 15.20
N MET A 342 -3.00 4.09 14.96
CA MET A 342 -3.87 4.57 16.04
C MET A 342 -4.38 3.52 17.07
N PRO A 343 -4.93 2.37 16.59
CA PRO A 343 -5.42 1.34 17.52
C PRO A 343 -4.46 0.97 18.64
N ILE A 344 -3.18 0.81 18.32
CA ILE A 344 -2.14 0.56 19.31
C ILE A 344 -1.78 1.82 20.08
N CYS A 345 -1.29 2.82 19.35
CA CYS A 345 -0.89 4.09 19.94
C CYS A 345 -2.07 4.83 20.57
N PHE A 351 -4.07 13.04 23.23
CA PHE A 351 -3.30 14.02 22.47
C PHE A 351 -3.18 13.51 21.05
N HIS A 352 -3.10 12.18 20.96
CA HIS A 352 -3.00 11.44 19.70
C HIS A 352 -4.24 11.64 18.82
N LEU A 353 -5.41 11.76 19.44
CA LEU A 353 -6.64 11.98 18.69
C LEU A 353 -6.74 13.39 18.12
N ALA A 354 -5.98 14.33 18.69
CA ALA A 354 -5.90 15.68 18.15
C ALA A 354 -5.28 15.70 16.75
N ILE A 355 -4.14 15.04 16.61
CA ILE A 355 -3.44 14.98 15.33
C ILE A 355 -4.12 14.07 14.30
N PHE A 356 -4.85 13.06 14.77
CA PHE A 356 -5.68 12.24 13.89
C PHE A 356 -6.78 13.08 13.25
N ASP A 357 -7.41 13.93 14.04
CA ASP A 357 -8.36 14.91 13.51
C ASP A 357 -7.69 15.88 12.52
N PHE A 358 -6.42 16.21 12.77
CA PHE A 358 -5.67 17.14 11.91
C PHE A 358 -5.43 16.62 10.48
N PHE A 359 -4.91 15.40 10.36
CA PHE A 359 -4.62 14.84 9.04
C PHE A 359 -5.91 14.46 8.30
N THR A 360 -7.02 14.44 9.02
CA THR A 360 -8.34 14.36 8.40
C THR A 360 -8.66 15.67 7.66
N TRP A 361 -8.36 16.80 8.29
CA TRP A 361 -8.50 18.12 7.67
C TRP A 361 -7.44 18.38 6.61
N LEU A 362 -6.21 17.98 6.89
CA LEU A 362 -5.14 18.03 5.90
C LEU A 362 -5.53 17.20 4.67
N GLY A 363 -6.23 16.09 4.90
CA GLY A 363 -6.79 15.30 3.82
C GLY A 363 -7.89 16.03 3.08
N TYR A 364 -8.76 16.70 3.82
CA TYR A 364 -9.81 17.53 3.22
C TYR A 364 -9.22 18.74 2.50
N LEU A 365 -8.09 19.21 3.00
CA LEU A 365 -7.35 20.33 2.39
C LEU A 365 -7.00 20.06 0.92
N ASN A 366 -6.96 18.79 0.54
CA ASN A 366 -6.77 18.39 -0.86
C ASN A 366 -7.85 18.93 -1.78
N SER A 367 -9.10 18.84 -1.32
CA SER A 367 -10.24 19.36 -2.07
C SER A 367 -10.09 20.86 -2.37
N LEU A 368 -9.36 21.56 -1.52
CA LEU A 368 -8.96 22.94 -1.82
C LEU A 368 -7.78 23.00 -2.77
N ILE A 369 -6.77 22.17 -2.49
CA ILE A 369 -5.52 22.17 -3.23
C ILE A 369 -5.63 21.66 -4.68
N ASN A 370 -6.57 20.75 -4.95
CA ASN A 370 -6.76 20.25 -6.31
C ASN A 370 -7.16 21.35 -7.32
N PRO A 371 -8.25 22.09 -7.06
CA PRO A 371 -8.62 23.17 -8.00
C PRO A 371 -7.64 24.33 -8.06
N ILE A 372 -6.91 24.62 -6.99
CA ILE A 372 -5.98 25.75 -7.02
C ILE A 372 -4.77 25.45 -7.91
N ILE A 373 -4.42 24.17 -8.01
CA ILE A 373 -3.36 23.74 -8.91
C ILE A 373 -3.72 23.94 -10.39
N TYR A 374 -4.89 23.46 -10.80
CA TYR A 374 -5.40 23.74 -12.15
C TYR A 374 -5.31 25.22 -12.53
N THR A 375 -5.61 26.11 -11.58
CA THR A 375 -5.49 27.54 -11.80
C THR A 375 -4.03 27.98 -11.98
N MET A 376 -3.19 27.54 -11.06
CA MET A 376 -1.75 27.84 -11.10
C MET A 376 -1.08 27.18 -12.31
N SER A 377 -1.45 25.93 -12.58
CA SER A 377 -0.86 25.17 -13.67
C SER A 377 -1.42 25.56 -15.03
N ASN A 378 -2.73 25.42 -15.20
CA ASN A 378 -3.36 25.64 -16.49
C ASN A 378 -3.49 27.14 -16.74
N GLU A 379 -3.08 27.57 -17.94
CA GLU A 379 -3.04 28.98 -18.33
C GLU A 379 -4.40 29.54 -18.77
N ASP A 380 -5.34 28.64 -19.03
CA ASP A 380 -6.72 29.00 -19.36
C ASP A 380 -7.45 29.60 -18.17
N PHE A 381 -7.31 28.93 -17.02
CA PHE A 381 -7.93 29.34 -15.78
C PHE A 381 -7.30 30.59 -15.18
N LYS A 382 -5.98 30.69 -15.27
CA LYS A 382 -5.23 31.84 -14.78
C LYS A 382 -5.71 33.15 -15.41
N GLN A 383 -5.96 33.11 -16.71
CA GLN A 383 -6.50 34.26 -17.42
C GLN A 383 -8.00 34.47 -17.13
N ALA A 384 -8.73 33.36 -16.99
CA ALA A 384 -10.12 33.38 -16.52
C ALA A 384 -10.25 34.03 -15.14
N PHE A 385 -9.23 33.79 -14.31
CA PHE A 385 -9.17 34.30 -12.94
C PHE A 385 -8.89 35.81 -12.89
N HIS A 386 -7.86 36.25 -13.62
CA HIS A 386 -7.53 37.67 -13.72
C HIS A 386 -8.68 38.51 -14.28
N LYS A 387 -9.50 37.90 -15.13
CA LYS A 387 -10.65 38.55 -15.74
C LYS A 387 -11.79 38.79 -14.75
N LEU A 388 -12.04 37.78 -13.91
CA LEU A 388 -13.10 37.82 -12.93
C LEU A 388 -12.94 38.94 -11.91
N ILE A 389 -11.81 38.94 -11.20
CA ILE A 389 -11.48 39.92 -10.18
C ILE A 389 -11.05 41.28 -10.74
N ARG A 390 -10.93 41.40 -12.07
CA ARG A 390 -10.51 42.65 -12.73
C ARG A 390 -9.06 43.00 -12.41
N PHE A 391 -8.22 41.98 -12.43
CA PHE A 391 -6.81 42.14 -12.22
C PHE A 391 -6.25 42.83 -13.46
N LYS A 392 -6.96 42.90 -14.57
CA LYS A 392 -6.21 43.55 -15.63
C LYS A 392 -6.73 44.73 -16.46
N CYS A 393 -5.94 45.79 -16.36
CA CYS A 393 -6.10 47.06 -17.07
C CYS A 393 -5.46 47.02 -18.45
N ASP B 1 23.14 0.82 -21.72
CA ASP B 1 23.05 -0.48 -21.07
C ASP B 1 24.39 -0.91 -20.50
N TYR B 2 24.65 -0.54 -19.26
CA TYR B 2 25.87 -0.93 -18.58
C TYR B 2 25.59 -1.73 -17.31
N ILE B 3 25.93 -3.02 -17.34
CA ILE B 3 25.76 -3.90 -16.20
C ILE B 3 26.87 -3.67 -15.18
N TYR B 4 26.49 -3.22 -13.98
CA TYR B 4 27.45 -2.88 -12.93
C TYR B 4 28.20 -4.07 -12.34
N GLN B 5 27.66 -5.27 -12.54
CA GLN B 5 28.30 -6.50 -12.09
C GLN B 5 29.72 -6.68 -12.64
N ASP B 6 29.98 -6.14 -13.82
CA ASP B 6 31.29 -6.20 -14.45
C ASP B 6 32.38 -5.37 -13.73
N SER B 7 31.99 -4.24 -13.15
CA SER B 7 32.93 -3.39 -12.40
C SER B 7 33.36 -4.02 -11.07
N ILE B 8 32.49 -4.81 -10.46
CA ILE B 8 32.79 -5.51 -9.22
C ILE B 8 33.82 -6.62 -9.48
N SER B 9 34.89 -6.61 -8.70
CA SER B 9 36.02 -7.52 -8.90
C SER B 9 35.75 -8.96 -8.44
N LEU B 10 36.58 -9.87 -8.93
CA LEU B 10 36.48 -11.31 -8.63
C LEU B 10 36.50 -11.67 -7.14
N PRO B 11 37.36 -11.01 -6.33
CA PRO B 11 37.32 -11.32 -4.90
C PRO B 11 35.94 -11.17 -4.24
N TRP B 12 35.27 -10.06 -4.53
CA TRP B 12 33.95 -9.80 -3.97
C TRP B 12 32.86 -10.66 -4.59
N LYS B 13 32.97 -10.93 -5.89
CA LYS B 13 32.07 -11.87 -6.57
C LYS B 13 31.99 -13.20 -5.83
N VAL B 14 33.16 -13.71 -5.47
CA VAL B 14 33.29 -14.95 -4.71
C VAL B 14 32.67 -14.80 -3.31
N LEU B 15 33.00 -13.71 -2.63
CA LEU B 15 32.44 -13.44 -1.30
C LEU B 15 30.92 -13.38 -1.33
N LEU B 16 30.38 -12.88 -2.43
CA LEU B 16 28.94 -12.72 -2.54
C LEU B 16 28.22 -14.03 -2.88
N VAL B 17 28.82 -14.90 -3.67
CA VAL B 17 28.21 -16.22 -3.87
C VAL B 17 28.29 -17.00 -2.56
N MET B 18 29.44 -16.86 -1.89
CA MET B 18 29.65 -17.44 -0.57
C MET B 18 28.61 -16.99 0.44
N LEU B 19 28.45 -15.68 0.56
CA LEU B 19 27.49 -15.06 1.46
C LEU B 19 26.04 -15.41 1.14
N LEU B 20 25.68 -15.31 -0.13
CA LEU B 20 24.31 -15.57 -0.57
C LEU B 20 23.93 -17.05 -0.49
N ALA B 21 24.86 -17.94 -0.86
CA ALA B 21 24.61 -19.38 -0.71
C ALA B 21 24.59 -19.77 0.76
N LEU B 22 25.27 -18.99 1.59
CA LEU B 22 25.19 -19.13 3.04
C LEU B 22 23.81 -18.80 3.57
N ILE B 23 23.29 -17.65 3.15
CA ILE B 23 21.94 -17.22 3.46
C ILE B 23 20.93 -18.23 2.90
N THR B 24 21.13 -18.63 1.65
CA THR B 24 20.31 -19.67 1.03
C THR B 24 20.26 -20.94 1.87
N LEU B 25 21.42 -21.32 2.41
CA LEU B 25 21.53 -22.51 3.25
C LEU B 25 20.94 -22.29 4.64
N ALA B 26 21.35 -21.19 5.28
CA ALA B 26 20.82 -20.80 6.59
C ALA B 26 19.30 -20.82 6.60
N THR B 27 18.70 -20.41 5.48
CA THR B 27 17.26 -20.46 5.30
C THR B 27 16.76 -21.89 5.07
N THR B 28 17.53 -22.69 4.33
CA THR B 28 17.16 -24.09 4.13
C THR B 28 17.24 -24.91 5.41
N LEU B 29 18.22 -24.63 6.27
CA LEU B 29 18.33 -25.33 7.56
C LEU B 29 17.30 -24.86 8.59
N SER B 30 17.15 -23.55 8.74
CA SER B 30 16.27 -22.97 9.76
C SER B 30 14.81 -23.40 9.56
N ASN B 31 14.32 -23.29 8.34
CA ASN B 31 12.95 -23.70 8.05
C ASN B 31 12.76 -25.23 8.08
N ALA B 32 13.81 -25.97 7.72
CA ALA B 32 13.79 -27.42 7.87
C ALA B 32 13.79 -27.81 9.34
N PHE B 33 14.49 -27.02 10.16
CA PHE B 33 14.53 -27.20 11.60
C PHE B 33 13.14 -27.20 12.21
N VAL B 34 12.31 -26.28 11.75
CA VAL B 34 10.95 -26.11 12.26
C VAL B 34 10.02 -27.25 11.83
N ILE B 35 10.00 -27.56 10.53
CA ILE B 35 9.09 -28.57 9.98
C ILE B 35 9.32 -29.95 10.62
N ALA B 36 10.58 -30.28 10.86
CA ALA B 36 10.95 -31.53 11.50
C ALA B 36 10.51 -31.55 12.96
N THR B 37 10.79 -30.46 13.67
CA THR B 37 10.43 -30.33 15.07
C THR B 37 8.94 -30.55 15.31
N VAL B 38 8.13 -29.94 14.45
CA VAL B 38 6.68 -30.10 14.52
C VAL B 38 6.24 -31.53 14.23
N TYR B 39 6.68 -32.06 13.09
CA TYR B 39 6.30 -33.40 12.67
C TYR B 39 6.70 -34.48 13.68
N ARG B 40 7.93 -34.39 14.19
CA ARG B 40 8.45 -35.43 15.07
C ARG B 40 7.83 -35.37 16.46
N THR B 41 7.63 -34.16 16.99
CA THR B 41 7.05 -33.99 18.31
C THR B 41 5.53 -34.15 18.31
N ARG B 42 5.06 -35.12 19.08
CA ARG B 42 3.63 -35.44 19.17
C ARG B 42 2.89 -34.37 19.95
N LYS B 43 3.60 -33.76 20.90
CA LYS B 43 3.06 -32.68 21.71
C LYS B 43 2.63 -31.52 20.81
N LEU B 44 3.39 -31.30 19.76
CA LEU B 44 3.21 -30.14 18.89
C LEU B 44 2.22 -30.35 17.73
N HIS B 45 1.59 -31.53 17.62
CA HIS B 45 0.70 -31.74 16.49
C HIS B 45 -0.63 -31.03 16.73
N THR B 46 -0.73 -29.82 16.19
CA THR B 46 -1.91 -28.98 16.33
C THR B 46 -2.20 -28.27 15.01
N PRO B 47 -3.48 -27.94 14.75
CA PRO B 47 -3.80 -27.01 13.65
C PRO B 47 -3.04 -25.68 13.75
N ALA B 48 -2.69 -25.28 14.97
CA ALA B 48 -1.88 -24.07 15.20
C ALA B 48 -0.47 -24.21 14.66
N ASN B 49 0.18 -25.31 15.02
CA ASN B 49 1.56 -25.56 14.59
C ASN B 49 1.67 -26.05 13.15
N TYR B 50 0.59 -26.57 12.56
CA TYR B 50 0.57 -26.88 11.12
C TYR B 50 0.74 -25.65 10.24
N LEU B 51 0.09 -24.57 10.62
CA LEU B 51 0.25 -23.29 9.93
C LEU B 51 1.69 -22.83 10.06
N ILE B 52 2.23 -22.89 11.28
CA ILE B 52 3.63 -22.57 11.51
C ILE B 52 4.55 -23.48 10.68
N ALA B 53 4.15 -24.73 10.52
CA ALA B 53 4.90 -25.68 9.69
C ALA B 53 4.83 -25.33 8.21
N SER B 54 3.61 -25.13 7.72
CA SER B 54 3.38 -24.78 6.31
C SER B 54 3.96 -23.41 5.96
N LEU B 55 4.20 -22.57 6.97
CA LEU B 55 4.94 -21.33 6.77
C LEU B 55 6.42 -21.60 6.50
N ALA B 56 7.00 -22.50 7.30
CA ALA B 56 8.38 -22.87 7.09
C ALA B 56 8.58 -23.65 5.79
N VAL B 57 7.59 -24.46 5.41
CA VAL B 57 7.55 -25.08 4.08
C VAL B 57 7.70 -24.05 2.98
N THR B 58 6.86 -23.02 3.04
CA THR B 58 6.91 -21.90 2.11
C THR B 58 8.27 -21.21 2.06
N ASP B 59 8.77 -20.79 3.23
CA ASP B 59 10.08 -20.12 3.32
C ASP B 59 11.24 -21.05 2.92
N LEU B 60 11.04 -22.35 3.10
CA LEU B 60 12.00 -23.35 2.63
C LEU B 60 12.03 -23.41 1.10
N LEU B 61 10.86 -23.34 0.48
CA LEU B 61 10.75 -23.33 -0.97
C LEU B 61 11.34 -22.07 -1.61
N VAL B 62 11.51 -21.01 -0.82
CA VAL B 62 12.25 -19.85 -1.29
C VAL B 62 13.74 -20.16 -1.32
N SER B 63 14.25 -20.71 -0.22
CA SER B 63 15.65 -21.16 -0.14
C SER B 63 16.00 -22.28 -1.13
N ILE B 64 14.98 -22.88 -1.73
CA ILE B 64 15.17 -23.94 -2.73
C ILE B 64 14.92 -23.44 -4.16
N LEU B 65 13.67 -23.12 -4.48
CA LEU B 65 13.29 -22.83 -5.86
C LEU B 65 13.77 -21.45 -6.36
N VAL B 66 13.99 -20.54 -5.42
CA VAL B 66 14.18 -19.13 -5.75
C VAL B 66 15.58 -18.63 -5.41
N MET B 67 15.93 -18.75 -4.13
CA MET B 67 17.12 -18.12 -3.58
C MET B 67 18.47 -18.54 -4.18
N PRO B 68 18.68 -19.85 -4.46
CA PRO B 68 19.97 -20.20 -5.07
C PRO B 68 20.11 -19.73 -6.52
N ILE B 69 18.99 -19.66 -7.23
CA ILE B 69 18.99 -19.20 -8.62
C ILE B 69 19.22 -17.70 -8.62
N SER B 70 18.60 -17.01 -7.66
CA SER B 70 18.89 -15.61 -7.39
C SER B 70 20.37 -15.39 -7.09
N THR B 71 20.96 -16.30 -6.32
CA THR B 71 22.36 -16.20 -5.93
C THR B 71 23.24 -16.07 -7.19
N MET B 72 22.91 -16.85 -8.21
CA MET B 72 23.63 -16.81 -9.48
C MET B 72 23.35 -15.48 -10.19
N TYR B 73 22.09 -15.22 -10.45
CA TYR B 73 21.63 -14.09 -11.25
C TYR B 73 22.01 -12.72 -10.65
N THR B 74 22.16 -12.67 -9.33
CA THR B 74 22.51 -11.42 -8.66
C THR B 74 24.00 -11.12 -8.83
N VAL B 75 24.81 -12.14 -8.57
CA VAL B 75 26.26 -11.99 -8.59
C VAL B 75 26.77 -11.79 -10.02
N THR B 76 26.24 -12.58 -10.96
CA THR B 76 26.69 -12.51 -12.35
C THR B 76 26.19 -11.27 -13.08
N GLY B 77 24.90 -11.01 -12.97
CA GLY B 77 24.26 -9.91 -13.67
C GLY B 77 23.68 -10.32 -15.01
N ARG B 78 23.60 -11.62 -15.26
CA ARG B 78 23.02 -12.11 -16.49
C ARG B 78 22.26 -13.42 -16.27
N TRP B 79 21.24 -13.62 -17.07
CA TRP B 79 20.36 -14.77 -16.95
C TRP B 79 20.66 -15.80 -18.04
N THR B 80 21.30 -16.90 -17.64
CA THR B 80 21.77 -17.88 -18.59
C THR B 80 20.77 -19.01 -18.81
N LEU B 81 19.69 -19.00 -18.04
CA LEU B 81 18.83 -20.17 -17.92
C LEU B 81 17.69 -20.25 -18.94
N GLY B 82 17.45 -19.17 -19.67
CA GLY B 82 16.42 -19.17 -20.70
C GLY B 82 15.04 -18.73 -20.24
N GLN B 83 14.07 -18.85 -21.16
CA GLN B 83 12.74 -18.27 -20.98
C GLN B 83 11.84 -19.09 -20.08
N VAL B 84 11.80 -20.39 -20.32
CA VAL B 84 10.92 -21.29 -19.58
C VAL B 84 11.37 -21.41 -18.12
N VAL B 85 12.65 -21.17 -17.88
CA VAL B 85 13.19 -21.12 -16.52
C VAL B 85 12.91 -19.75 -15.89
N CYS B 86 13.06 -18.68 -16.67
CA CYS B 86 12.69 -17.35 -16.20
C CYS B 86 11.23 -17.29 -15.80
N ASP B 87 10.40 -18.03 -16.53
CA ASP B 87 8.98 -18.20 -16.19
C ASP B 87 8.74 -18.78 -14.80
N PHE B 88 9.21 -20.02 -14.58
CA PHE B 88 9.00 -20.69 -13.29
C PHE B 88 9.80 -20.09 -12.13
N TRP B 89 10.84 -19.32 -12.43
CA TRP B 89 11.60 -18.65 -11.38
C TRP B 89 10.79 -17.53 -10.76
N LEU B 90 10.18 -16.69 -11.61
CA LEU B 90 9.30 -15.63 -11.14
C LEU B 90 8.01 -16.18 -10.54
N SER B 91 7.40 -17.13 -11.24
CA SER B 91 6.19 -17.80 -10.78
C SER B 91 6.32 -18.34 -9.35
N SER B 92 7.32 -19.19 -9.14
CA SER B 92 7.65 -19.68 -7.81
C SER B 92 8.03 -18.58 -6.83
N ASP B 93 8.77 -17.58 -7.32
CA ASP B 93 9.21 -16.50 -6.44
C ASP B 93 8.04 -15.66 -5.93
N ILE B 94 7.17 -15.21 -6.82
CA ILE B 94 5.98 -14.49 -6.39
C ILE B 94 5.10 -15.41 -5.52
N THR B 95 4.81 -16.61 -6.01
CA THR B 95 3.93 -17.55 -5.32
C THR B 95 4.42 -17.96 -3.92
N CYS B 96 5.70 -18.28 -3.78
CA CYS B 96 6.22 -18.68 -2.48
C CYS B 96 6.17 -17.48 -1.55
N CYS B 97 6.76 -16.38 -1.98
CA CYS B 97 6.79 -15.17 -1.17
C CYS B 97 5.38 -14.64 -0.86
N THR B 98 4.46 -14.78 -1.80
CA THR B 98 3.04 -14.48 -1.52
C THR B 98 2.47 -15.38 -0.44
N ALA B 99 2.67 -16.69 -0.59
CA ALA B 99 2.16 -17.67 0.37
C ALA B 99 2.72 -17.48 1.78
N SER B 100 3.92 -16.92 1.88
CA SER B 100 4.55 -16.69 3.19
C SER B 100 3.91 -15.52 3.92
N ILE B 101 3.40 -14.55 3.17
CA ILE B 101 2.66 -13.44 3.75
C ILE B 101 1.27 -13.89 4.17
N TRP B 102 0.63 -14.66 3.30
CA TRP B 102 -0.72 -15.15 3.55
C TRP B 102 -0.79 -16.29 4.56
N HIS B 103 0.32 -17.01 4.75
CA HIS B 103 0.40 -17.94 5.88
C HIS B 103 0.50 -17.18 7.21
N LEU B 104 1.19 -16.04 7.20
CA LEU B 104 1.20 -15.16 8.38
C LEU B 104 -0.20 -14.71 8.77
N CYS B 105 -0.98 -14.25 7.79
CA CYS B 105 -2.32 -13.73 8.07
C CYS B 105 -3.27 -14.86 8.46
N VAL B 106 -3.16 -16.01 7.81
CA VAL B 106 -3.92 -17.20 8.20
C VAL B 106 -3.56 -17.66 9.62
N ILE B 107 -2.31 -17.46 10.00
CA ILE B 107 -1.89 -17.67 11.39
C ILE B 107 -2.56 -16.67 12.33
N ALA B 108 -2.45 -15.37 12.05
CA ALA B 108 -3.07 -14.35 12.88
C ALA B 108 -4.60 -14.39 12.86
N LEU B 109 -5.17 -14.92 11.78
CA LEU B 109 -6.62 -15.14 11.70
C LEU B 109 -7.07 -16.26 12.64
N ASP B 110 -6.25 -17.30 12.77
CA ASP B 110 -6.47 -18.36 13.74
C ASP B 110 -6.31 -17.82 15.17
N ARG B 111 -5.33 -16.94 15.37
CA ARG B 111 -5.12 -16.27 16.66
C ARG B 111 -6.21 -15.27 17.02
N TYR B 112 -6.87 -14.74 16.00
CA TYR B 112 -8.01 -13.85 16.18
C TYR B 112 -9.22 -14.69 16.59
N TRP B 113 -9.45 -15.78 15.86
CA TRP B 113 -10.49 -16.75 16.19
C TRP B 113 -10.25 -17.53 17.49
N ALA B 114 -9.00 -17.65 17.92
CA ALA B 114 -8.67 -18.32 19.18
C ALA B 114 -9.03 -17.51 20.42
N ILE B 115 -9.24 -16.21 20.23
CA ILE B 115 -9.50 -15.27 21.32
C ILE B 115 -10.93 -14.75 21.33
N THR B 116 -11.33 -14.09 20.25
CA THR B 116 -12.65 -13.48 20.17
C THR B 116 -13.75 -14.54 20.09
N ASP B 117 -13.53 -15.56 19.26
CA ASP B 117 -14.41 -16.72 19.16
C ASP B 117 -13.89 -17.93 19.94
N ALA B 118 -13.08 -17.67 20.98
CA ALA B 118 -12.46 -18.73 21.78
C ALA B 118 -13.44 -19.84 22.13
N VAL B 119 -14.67 -19.45 22.44
CA VAL B 119 -15.75 -20.38 22.72
C VAL B 119 -16.14 -21.18 21.46
N GLU B 120 -16.37 -20.45 20.37
CA GLU B 120 -16.87 -21.04 19.12
C GLU B 120 -15.84 -21.87 18.34
N TYR B 121 -14.71 -21.25 18.03
CA TYR B 121 -13.72 -21.82 17.11
C TYR B 121 -12.92 -23.01 17.67
N SER B 122 -12.92 -23.18 19.00
CA SER B 122 -12.27 -24.34 19.60
C SER B 122 -12.88 -25.66 19.12
N ALA B 123 -14.17 -25.64 18.80
CA ALA B 123 -14.85 -26.78 18.20
C ALA B 123 -14.65 -26.82 16.68
N LYS B 124 -14.72 -25.65 16.06
CA LYS B 124 -14.51 -25.49 14.61
C LYS B 124 -13.08 -25.80 14.16
N ARG B 125 -12.10 -25.48 14.99
CA ARG B 125 -10.70 -25.69 14.59
C ARG B 125 -10.37 -27.16 14.53
N THR B 126 -10.21 -27.67 13.31
CA THR B 126 -9.67 -29.00 13.08
C THR B 126 -8.38 -28.86 12.29
N PRO B 127 -7.68 -29.98 12.06
CA PRO B 127 -6.64 -30.00 11.03
C PRO B 127 -7.16 -29.70 9.63
N LYS B 128 -8.34 -30.22 9.31
CA LYS B 128 -9.03 -29.94 8.04
C LYS B 128 -9.20 -28.43 7.80
N ARG B 129 -9.58 -27.70 8.85
CA ARG B 129 -9.73 -26.25 8.77
C ARG B 129 -8.41 -25.52 8.54
N ALA B 130 -7.40 -25.90 9.31
CA ALA B 130 -6.04 -25.41 9.10
C ALA B 130 -5.54 -25.78 7.70
N ALA B 131 -5.91 -26.97 7.24
CA ALA B 131 -5.47 -27.47 5.94
C ALA B 131 -6.11 -26.72 4.76
N VAL B 132 -7.42 -26.55 4.80
CA VAL B 132 -8.12 -25.80 3.77
C VAL B 132 -7.63 -24.35 3.66
N MET B 133 -7.29 -23.74 4.80
CA MET B 133 -6.73 -22.38 4.80
C MET B 133 -5.36 -22.35 4.12
N ILE B 134 -4.52 -23.33 4.47
CA ILE B 134 -3.23 -23.52 3.81
C ILE B 134 -3.39 -23.67 2.30
N ALA B 135 -4.37 -24.45 1.88
CA ALA B 135 -4.63 -24.71 0.47
C ALA B 135 -4.97 -23.42 -0.28
N LEU B 136 -5.86 -22.61 0.31
CA LEU B 136 -6.25 -21.33 -0.29
C LEU B 136 -5.10 -20.33 -0.33
N VAL B 137 -4.20 -20.37 0.65
CA VAL B 137 -3.00 -19.53 0.64
C VAL B 137 -2.15 -19.79 -0.61
N TRP B 138 -1.78 -21.06 -0.83
CA TRP B 138 -1.02 -21.44 -2.02
C TRP B 138 -1.80 -21.14 -3.30
N VAL B 139 -3.06 -21.56 -3.36
CA VAL B 139 -3.91 -21.36 -4.54
C VAL B 139 -4.03 -19.88 -4.94
N PHE B 140 -4.12 -19.00 -3.95
CA PHE B 140 -4.17 -17.56 -4.21
C PHE B 140 -2.83 -17.08 -4.75
N SER B 141 -1.77 -17.45 -4.05
CA SER B 141 -0.39 -17.16 -4.45
C SER B 141 -0.11 -17.59 -5.90
N ILE B 142 -0.69 -18.72 -6.30
CA ILE B 142 -0.62 -19.19 -7.68
C ILE B 142 -1.33 -18.22 -8.64
N SER B 143 -2.62 -17.99 -8.40
CA SER B 143 -3.42 -17.12 -9.27
C SER B 143 -2.99 -15.64 -9.24
N ILE B 144 -2.03 -15.30 -8.38
CA ILE B 144 -1.32 -14.02 -8.51
C ILE B 144 -0.24 -14.11 -9.59
N SER B 145 0.47 -15.23 -9.62
CA SER B 145 1.51 -15.46 -10.62
C SER B 145 0.98 -15.95 -11.98
N LEU B 146 -0.26 -16.43 -12.02
CA LEU B 146 -0.87 -16.93 -13.27
C LEU B 146 -1.19 -15.89 -14.37
N PRO B 147 -1.56 -14.65 -14.01
CA PRO B 147 -1.88 -13.68 -15.08
C PRO B 147 -0.75 -13.25 -16.06
N PRO B 148 0.49 -12.96 -15.61
CA PRO B 148 1.56 -12.60 -16.55
C PRO B 148 1.73 -13.54 -17.75
N PHE B 149 1.62 -14.84 -17.50
CA PHE B 149 1.87 -15.89 -18.48
C PHE B 149 0.73 -16.17 -19.49
N PHE B 150 -0.51 -15.89 -19.11
CA PHE B 150 -1.65 -16.01 -20.01
C PHE B 150 -1.51 -15.04 -21.21
N TRP B 151 -0.93 -13.87 -20.95
CA TRP B 151 -0.71 -12.77 -21.92
C TRP B 151 0.53 -12.94 -22.84
N ARG B 152 1.53 -13.69 -22.34
CA ARG B 152 2.82 -13.94 -22.99
C ARG B 152 2.69 -14.70 -24.33
N GLN B 153 1.52 -15.23 -24.63
CA GLN B 153 1.34 -15.98 -25.87
C GLN B 153 1.62 -15.23 -27.18
N ALA B 154 1.39 -13.92 -27.27
CA ALA B 154 1.66 -13.21 -28.52
C ALA B 154 3.13 -13.16 -29.01
N LYS B 155 4.08 -12.80 -28.14
CA LYS B 155 5.49 -12.74 -28.53
C LYS B 155 6.31 -13.97 -28.10
N ALA B 156 7.23 -14.43 -28.93
CA ALA B 156 8.11 -15.54 -28.53
C ALA B 156 9.56 -15.27 -28.90
N GLU B 157 10.47 -15.41 -27.94
CA GLU B 157 11.89 -15.15 -28.21
C GLU B 157 12.79 -16.35 -27.94
N GLU B 158 13.63 -16.67 -28.92
CA GLU B 158 14.54 -17.81 -28.81
C GLU B 158 15.58 -17.62 -27.69
N GLU B 159 16.06 -16.39 -27.52
CA GLU B 159 17.10 -16.13 -26.52
C GLU B 159 16.69 -15.11 -25.45
N VAL B 160 17.10 -15.37 -24.21
CA VAL B 160 16.77 -14.50 -23.07
C VAL B 160 18.02 -13.94 -22.38
N SER B 161 18.10 -12.62 -22.28
CA SER B 161 19.19 -11.95 -21.56
C SER B 161 18.90 -11.43 -20.13
N GLU B 162 17.63 -11.34 -19.75
CA GLU B 162 17.25 -10.80 -18.43
C GLU B 162 15.95 -11.37 -17.88
N CYS B 163 15.84 -11.45 -16.55
CA CYS B 163 14.62 -11.98 -15.94
C CYS B 163 14.12 -11.04 -14.83
N VAL B 164 13.06 -10.29 -15.14
CA VAL B 164 12.33 -9.46 -14.18
C VAL B 164 10.83 -9.52 -14.53
N VAL B 165 9.97 -9.16 -13.57
CA VAL B 165 8.53 -9.17 -13.77
C VAL B 165 8.03 -8.27 -14.92
N ASN B 166 6.90 -8.67 -15.49
CA ASN B 166 6.25 -7.96 -16.59
C ASN B 166 5.66 -6.60 -16.16
N THR B 167 6.08 -5.51 -16.81
CA THR B 167 5.49 -4.18 -16.57
C THR B 167 4.51 -3.73 -17.67
N ASP B 168 4.17 -4.64 -18.58
CA ASP B 168 3.31 -4.29 -19.71
C ASP B 168 1.91 -3.87 -19.28
N HIS B 169 1.20 -4.77 -18.63
CA HIS B 169 -0.10 -4.42 -18.08
C HIS B 169 0.12 -3.71 -16.73
N ILE B 170 -0.25 -2.43 -16.66
CA ILE B 170 -0.23 -1.71 -15.40
C ILE B 170 -1.26 -2.29 -14.45
N LEU B 171 -2.33 -2.82 -15.05
CA LEU B 171 -3.44 -3.40 -14.30
C LEU B 171 -2.98 -4.49 -13.35
N TYR B 172 -2.12 -5.38 -13.84
CA TYR B 172 -1.67 -6.49 -13.02
C TYR B 172 -0.32 -6.20 -12.35
N THR B 173 0.26 -5.03 -12.66
CA THR B 173 1.37 -4.50 -11.88
C THR B 173 0.91 -4.08 -10.48
N VAL B 174 -0.20 -3.34 -10.44
CA VAL B 174 -0.79 -2.84 -9.21
C VAL B 174 -1.45 -4.01 -8.48
N TYR B 175 -2.34 -4.70 -9.19
CA TYR B 175 -3.09 -5.84 -8.65
C TYR B 175 -2.24 -6.86 -7.91
N SER B 176 -1.08 -7.15 -8.47
CA SER B 176 -0.14 -8.07 -7.85
C SER B 176 0.48 -7.43 -6.62
N THR B 177 1.01 -6.22 -6.80
CA THR B 177 1.67 -5.48 -5.73
C THR B 177 0.80 -5.36 -4.50
N VAL B 178 -0.48 -5.04 -4.73
CA VAL B 178 -1.42 -4.83 -3.65
C VAL B 178 -1.96 -6.16 -3.15
N GLY B 179 -2.59 -6.91 -4.04
CA GLY B 179 -3.15 -8.22 -3.70
C GLY B 179 -2.19 -9.17 -3.02
N ALA B 180 -0.92 -9.16 -3.43
CA ALA B 180 0.09 -10.03 -2.83
C ALA B 180 0.78 -9.43 -1.60
N PHE B 181 1.10 -8.14 -1.65
CA PHE B 181 1.81 -7.49 -0.53
C PHE B 181 0.94 -6.57 0.31
N TYR B 182 0.53 -5.44 -0.26
CA TYR B 182 -0.12 -4.39 0.52
C TYR B 182 -1.36 -4.88 1.29
N PHE B 183 -2.27 -5.54 0.58
CA PHE B 183 -3.55 -5.97 1.16
C PHE B 183 -3.38 -6.90 2.38
N PRO B 184 -2.66 -8.04 2.24
CA PRO B 184 -2.51 -8.92 3.40
C PRO B 184 -1.52 -8.40 4.47
N THR B 185 -0.65 -7.48 4.06
CA THR B 185 0.23 -6.81 5.01
C THR B 185 -0.50 -5.86 5.94
N LEU B 186 -1.32 -5.00 5.34
CA LEU B 186 -2.17 -4.09 6.07
C LEU B 186 -3.20 -4.88 6.88
N LEU B 187 -3.54 -6.05 6.37
CA LEU B 187 -4.37 -7.02 7.09
C LEU B 187 -3.72 -7.45 8.40
N LEU B 188 -2.46 -7.86 8.33
CA LEU B 188 -1.72 -8.25 9.52
C LEU B 188 -1.49 -7.11 10.52
N ILE B 189 -1.24 -5.91 10.01
CA ILE B 189 -1.09 -4.75 10.88
C ILE B 189 -2.39 -4.47 11.64
N ALA B 190 -3.52 -4.73 10.97
CA ALA B 190 -4.83 -4.58 11.60
C ALA B 190 -5.13 -5.70 12.59
N LEU B 191 -4.76 -6.93 12.25
CA LEU B 191 -4.92 -8.06 13.16
C LEU B 191 -4.01 -8.02 14.38
N TYR B 192 -2.91 -7.26 14.30
CA TYR B 192 -2.04 -7.07 15.46
C TYR B 192 -2.58 -6.01 16.42
N GLY B 193 -2.92 -4.83 15.89
CA GLY B 193 -3.55 -3.78 16.69
C GLY B 193 -4.85 -4.24 17.31
N ARG B 194 -5.51 -5.17 16.62
CA ARG B 194 -6.68 -5.88 17.13
C ARG B 194 -6.37 -6.68 18.39
N ILE B 195 -5.43 -7.62 18.24
CA ILE B 195 -5.13 -8.61 19.26
C ILE B 195 -4.21 -8.06 20.37
N TYR B 196 -3.45 -7.01 20.05
CA TYR B 196 -2.63 -6.34 21.07
C TYR B 196 -3.49 -5.72 22.17
N VAL B 197 -4.58 -5.09 21.76
CA VAL B 197 -5.52 -4.48 22.69
C VAL B 197 -6.36 -5.57 23.40
N GLU B 198 -6.75 -6.60 22.66
CA GLU B 198 -7.41 -7.78 23.24
C GLU B 198 -6.61 -8.39 24.40
N ALA B 199 -5.29 -8.41 24.27
CA ALA B 199 -4.41 -8.88 25.32
C ALA B 199 -4.34 -7.86 26.45
N ARG B 200 -4.10 -6.61 26.08
CA ARG B 200 -4.14 -5.49 27.01
C ARG B 200 -5.45 -5.44 27.81
N SER B 201 -6.55 -5.82 27.18
CA SER B 201 -7.87 -5.83 27.85
C SER B 201 -8.05 -6.95 28.87
N ARG B 202 -7.76 -8.18 28.45
CA ARG B 202 -8.00 -9.36 29.29
C ARG B 202 -7.03 -9.45 30.45
N ILE B 203 -5.87 -8.81 30.34
CA ILE B 203 -4.97 -8.74 31.48
C ILE B 203 -5.47 -7.70 32.50
N ALA B 204 -6.00 -6.56 32.05
CA ALA B 204 -6.61 -5.58 32.98
C ALA B 204 -7.81 -6.24 33.64
N ASP B 205 -8.55 -7.02 32.87
CA ASP B 205 -9.67 -7.82 33.37
C ASP B 205 -9.28 -8.65 34.59
N LEU B 206 -8.26 -9.51 34.41
CA LEU B 206 -7.89 -10.47 35.44
C LEU B 206 -7.06 -9.86 36.56
N GLU B 207 -6.32 -8.79 36.26
CA GLU B 207 -5.59 -8.04 37.28
C GLU B 207 -6.55 -7.31 38.21
N ASP B 208 -7.69 -6.89 37.66
CA ASP B 208 -8.74 -6.27 38.46
C ASP B 208 -9.50 -7.32 39.26
N ARG B 209 -9.69 -8.50 38.66
CA ARG B 209 -10.28 -9.62 39.38
C ARG B 209 -9.33 -10.10 40.48
N TRP B 210 -8.04 -9.86 40.33
CA TRP B 210 -7.06 -10.18 41.38
C TRP B 210 -7.16 -9.19 42.54
N ARG B 211 -7.31 -7.90 42.22
CA ARG B 211 -7.46 -6.87 43.24
C ARG B 211 -8.76 -7.08 44.01
N THR B 212 -9.75 -7.69 43.37
CA THR B 212 -10.96 -8.11 44.05
C THR B 212 -10.61 -9.18 45.08
N LEU B 213 -9.95 -10.23 44.61
CA LEU B 213 -9.61 -11.37 45.45
C LEU B 213 -8.56 -11.02 46.52
N GLU B 214 -7.72 -10.02 46.23
CA GLU B 214 -6.68 -9.58 47.15
C GLU B 214 -7.26 -8.76 48.30
N ASP B 215 -8.06 -7.76 47.96
CA ASP B 215 -8.64 -6.86 48.95
C ASP B 215 -9.66 -7.56 49.83
N ASN B 216 -10.46 -8.43 49.24
CA ASN B 216 -11.47 -9.18 49.99
C ASN B 216 -10.86 -10.22 50.92
N LEU B 217 -9.60 -10.58 50.68
CA LEU B 217 -8.88 -11.42 51.62
C LEU B 217 -8.45 -10.60 52.83
N ARG B 218 -8.18 -9.32 52.60
CA ARG B 218 -7.91 -8.38 53.69
C ARG B 218 -9.19 -8.08 54.47
N VAL B 219 -10.32 -8.03 53.78
CA VAL B 219 -11.61 -7.78 54.41
C VAL B 219 -11.99 -8.92 55.36
N ILE B 220 -11.97 -10.15 54.86
CA ILE B 220 -12.29 -11.33 55.66
C ILE B 220 -11.40 -11.42 56.91
N GLU B 221 -10.13 -11.08 56.76
CA GLU B 221 -9.18 -11.07 57.86
C GLU B 221 -9.51 -9.96 58.88
N ARG B 222 -9.98 -8.82 58.38
CA ARG B 222 -10.31 -7.66 59.21
C ARG B 222 -11.79 -7.54 59.63
N ALA B 223 -12.67 -8.35 59.05
CA ALA B 223 -14.11 -8.23 59.30
C ALA B 223 -14.50 -8.88 60.62
N ALA B 224 -15.25 -8.16 61.44
CA ALA B 224 -15.57 -8.61 62.79
C ALA B 224 -16.89 -9.37 62.89
N ASN B 225 -17.66 -9.42 61.81
CA ASN B 225 -18.92 -10.16 61.81
C ASN B 225 -19.05 -11.09 60.60
N ALA B 226 -19.97 -12.05 60.71
CA ALA B 226 -20.14 -13.08 59.68
C ALA B 226 -20.66 -12.51 58.36
N ALA B 227 -21.31 -11.35 58.43
CA ALA B 227 -21.91 -10.72 57.25
C ALA B 227 -20.86 -10.06 56.33
N GLU B 228 -19.89 -9.37 56.92
CA GLU B 228 -18.84 -8.71 56.14
C GLU B 228 -17.93 -9.73 55.47
N VAL B 229 -17.85 -10.92 56.07
CA VAL B 229 -17.07 -12.02 55.53
C VAL B 229 -17.71 -12.63 54.28
N ARG B 230 -18.98 -12.99 54.36
CA ARG B 230 -19.70 -13.57 53.22
C ARG B 230 -19.84 -12.55 52.10
N GLU B 231 -19.94 -11.28 52.47
CA GLU B 231 -19.92 -10.16 51.54
C GLU B 231 -18.63 -10.17 50.72
N ALA B 232 -17.52 -10.42 51.41
CA ALA B 232 -16.22 -10.53 50.75
C ALA B 232 -16.15 -11.78 49.90
N LEU B 233 -16.64 -12.90 50.44
CA LEU B 233 -16.63 -14.20 49.75
C LEU B 233 -17.52 -14.22 48.51
N THR B 234 -18.65 -13.53 48.57
CA THR B 234 -19.58 -13.45 47.44
C THR B 234 -18.96 -12.63 46.31
N ARG B 235 -18.24 -11.57 46.66
CA ARG B 235 -17.53 -10.77 45.68
C ARG B 235 -16.29 -11.52 45.16
N MET B 236 -15.74 -12.39 45.99
CA MET B 236 -14.63 -13.26 45.56
C MET B 236 -15.12 -14.40 44.68
N ARG B 237 -16.31 -14.90 44.97
CA ARG B 237 -16.93 -15.96 44.18
C ARG B 237 -17.21 -15.48 42.75
N ALA B 238 -17.87 -14.33 42.64
CA ALA B 238 -18.19 -13.76 41.34
C ALA B 238 -16.95 -13.28 40.59
N ALA B 239 -15.88 -13.01 41.32
CA ALA B 239 -14.61 -12.59 40.72
C ALA B 239 -13.83 -13.76 40.11
N ALA B 240 -13.74 -14.85 40.86
CA ALA B 240 -13.11 -16.08 40.40
C ALA B 240 -13.89 -16.71 39.25
N GLU B 241 -15.22 -16.56 39.32
CA GLU B 241 -16.12 -17.03 38.28
C GLU B 241 -15.91 -16.23 36.99
N ASP B 242 -15.83 -14.91 37.13
CA ASP B 242 -15.58 -14.02 35.98
C ASP B 242 -14.19 -14.23 35.39
N ALA B 243 -13.22 -14.44 36.27
CA ALA B 243 -11.82 -14.65 35.88
C ALA B 243 -11.68 -15.94 35.10
N GLN B 244 -12.52 -16.90 35.42
CA GLN B 244 -12.54 -18.20 34.76
C GLN B 244 -13.03 -18.08 33.31
N ARG B 245 -13.98 -17.19 33.08
CA ARG B 245 -14.52 -16.96 31.75
C ARG B 245 -13.42 -16.56 30.77
N ALA B 246 -12.56 -15.66 31.22
CA ALA B 246 -11.46 -15.19 30.39
C ALA B 246 -10.23 -16.08 30.60
N THR B 247 -9.77 -16.71 29.52
CA THR B 247 -8.65 -17.64 29.58
C THR B 247 -7.61 -17.28 28.51
N PRO B 248 -6.31 -17.45 28.80
CA PRO B 248 -5.33 -17.22 27.74
C PRO B 248 -5.04 -18.44 26.87
N PRO B 249 -4.99 -18.29 25.53
CA PRO B 249 -4.63 -19.48 24.75
C PRO B 249 -3.20 -19.39 24.23
N SER B 255 -2.93 -23.43 19.66
CA SER B 255 -1.59 -23.37 20.23
C SER B 255 -1.45 -24.35 21.37
N PRO B 256 -0.23 -24.83 21.63
CA PRO B 256 -0.05 -25.74 22.76
C PRO B 256 -0.43 -25.08 24.08
N ALA B 257 -1.36 -25.70 24.81
CA ALA B 257 -1.73 -25.18 26.11
C ALA B 257 -0.81 -25.85 27.12
N SER B 258 0.04 -25.04 27.74
CA SER B 258 1.08 -25.54 28.63
C SER B 258 0.49 -26.25 29.86
N PRO B 259 1.26 -27.19 30.45
CA PRO B 259 0.87 -27.84 31.70
C PRO B 259 0.67 -26.84 32.85
N GLU B 260 1.49 -25.79 32.87
CA GLU B 260 1.37 -24.72 33.85
C GLU B 260 0.03 -23.97 33.77
N MET B 261 -0.49 -23.81 32.55
CA MET B 261 -1.75 -23.09 32.33
C MET B 261 -2.96 -23.91 32.77
N GLU B 262 -2.90 -25.22 32.58
CA GLU B 262 -3.92 -26.13 33.13
C GLU B 262 -3.93 -26.02 34.65
N ASP B 263 -2.76 -25.74 35.21
CA ASP B 263 -2.59 -25.59 36.66
C ASP B 263 -3.15 -24.28 37.22
N PHE B 264 -3.23 -23.24 36.40
CA PHE B 264 -3.86 -21.99 36.84
C PHE B 264 -5.38 -22.05 36.67
N ARG B 265 -5.85 -22.89 35.74
CA ARG B 265 -7.28 -23.13 35.59
C ARG B 265 -7.74 -24.09 36.68
N HIS B 266 -6.91 -25.09 36.98
CA HIS B 266 -7.15 -25.97 38.13
C HIS B 266 -6.89 -25.21 39.41
N GLY B 267 -6.05 -24.18 39.34
CA GLY B 267 -5.82 -23.28 40.45
C GLY B 267 -7.05 -22.44 40.77
N PHE B 268 -7.85 -22.15 39.75
CA PHE B 268 -9.12 -21.45 39.95
C PHE B 268 -10.20 -22.38 40.53
N ASP B 269 -10.29 -23.60 40.00
CA ASP B 269 -11.27 -24.58 40.49
C ASP B 269 -10.96 -24.95 41.94
N ILE B 270 -9.67 -24.97 42.27
CA ILE B 270 -9.22 -25.14 43.65
C ILE B 270 -9.61 -23.93 44.49
N LEU B 271 -9.31 -22.74 43.98
CA LEU B 271 -9.63 -21.49 44.66
C LEU B 271 -11.13 -21.33 44.89
N VAL B 272 -11.93 -21.70 43.90
CA VAL B 272 -13.38 -21.65 44.03
C VAL B 272 -13.85 -22.75 45.00
N GLY B 273 -13.14 -23.87 45.01
CA GLY B 273 -13.37 -24.90 46.01
C GLY B 273 -13.16 -24.35 47.41
N GLN B 274 -12.14 -23.51 47.58
CA GLN B 274 -11.83 -22.90 48.87
C GLN B 274 -12.79 -21.79 49.28
N ILE B 275 -13.36 -21.07 48.32
CA ILE B 275 -14.37 -20.06 48.61
C ILE B 275 -15.66 -20.75 49.07
N ASP B 276 -15.95 -21.91 48.49
CA ASP B 276 -17.12 -22.69 48.85
C ASP B 276 -17.00 -23.29 50.26
N ASP B 277 -15.78 -23.57 50.68
CA ASP B 277 -15.51 -24.13 52.00
C ASP B 277 -15.53 -23.07 53.11
N ALA B 278 -14.97 -21.90 52.83
CA ALA B 278 -14.96 -20.80 53.78
C ALA B 278 -16.36 -20.20 53.98
N LEU B 279 -17.26 -20.45 53.03
CA LEU B 279 -18.67 -20.08 53.19
C LEU B 279 -19.38 -21.11 54.07
N ARG B 280 -19.05 -22.38 53.87
CA ARG B 280 -19.56 -23.45 54.72
C ARG B 280 -19.05 -23.30 56.16
N LEU B 281 -17.87 -22.68 56.29
CA LEU B 281 -17.25 -22.43 57.58
C LEU B 281 -18.01 -21.39 58.39
N ALA B 282 -18.50 -20.35 57.72
CA ALA B 282 -19.33 -19.33 58.35
C ALA B 282 -20.73 -19.87 58.66
N ASP B 283 -21.20 -20.79 57.82
CA ASP B 283 -22.49 -21.45 58.04
C ASP B 283 -22.41 -22.31 59.29
N GLU B 284 -21.26 -22.91 59.53
CA GLU B 284 -20.99 -23.64 60.77
C GLU B 284 -20.88 -22.67 61.95
N GLY B 285 -20.71 -21.39 61.65
CA GLY B 285 -20.69 -20.35 62.67
C GLY B 285 -19.30 -19.95 63.09
N ARG B 286 -18.30 -20.57 62.48
CA ARG B 286 -16.91 -20.27 62.80
C ARG B 286 -16.40 -19.17 61.88
N VAL B 287 -16.13 -18.01 62.48
CA VAL B 287 -15.70 -16.82 61.78
C VAL B 287 -14.17 -16.70 61.86
N ALA B 288 -13.63 -16.71 63.07
CA ALA B 288 -12.17 -16.69 63.27
C ALA B 288 -11.46 -17.88 62.60
N GLU B 289 -12.22 -18.92 62.24
CA GLU B 289 -11.71 -20.01 61.41
C GLU B 289 -11.68 -19.60 59.93
N ALA B 290 -12.68 -18.84 59.50
CA ALA B 290 -12.73 -18.32 58.13
C ALA B 290 -11.64 -17.27 57.91
N GLN B 291 -11.13 -16.71 59.00
CA GLN B 291 -10.00 -15.81 58.94
C GLN B 291 -8.68 -16.58 58.89
N ALA B 292 -8.73 -17.83 59.36
CA ALA B 292 -7.63 -18.78 59.17
C ALA B 292 -7.70 -19.45 57.80
N ALA B 293 -8.91 -19.58 57.26
CA ALA B 293 -9.10 -20.06 55.90
C ALA B 293 -8.67 -18.99 54.89
N ALA B 294 -8.58 -17.76 55.38
CA ALA B 294 -8.07 -16.64 54.58
C ALA B 294 -6.54 -16.66 54.52
N GLU B 295 -5.92 -17.08 55.62
CA GLU B 295 -4.49 -17.36 55.62
C GLU B 295 -4.21 -18.53 54.68
N GLU B 296 -5.19 -19.43 54.56
CA GLU B 296 -5.12 -20.58 53.66
C GLU B 296 -5.18 -20.18 52.19
N LEU B 297 -6.17 -19.35 51.86
CA LEU B 297 -6.36 -18.84 50.52
C LEU B 297 -5.16 -18.03 50.05
N ARG B 298 -4.49 -17.38 50.99
CA ARG B 298 -3.31 -16.58 50.70
C ARG B 298 -2.13 -17.47 50.31
N THR B 299 -2.06 -18.65 50.92
CA THR B 299 -1.03 -19.63 50.59
C THR B 299 -1.33 -20.28 49.23
N THR B 300 -2.61 -20.43 48.91
CA THR B 300 -3.01 -20.90 47.59
C THR B 300 -2.73 -19.79 46.57
N ARG B 301 -2.94 -18.55 46.99
CA ARG B 301 -2.59 -17.38 46.21
C ARG B 301 -1.11 -17.38 45.90
N ASN B 302 -0.30 -17.49 46.95
CA ASN B 302 1.15 -17.52 46.80
C ASN B 302 1.60 -18.72 45.97
N ALA B 303 0.85 -19.81 46.03
CA ALA B 303 1.18 -20.99 45.26
C ALA B 303 0.88 -20.77 43.77
N TYR B 304 -0.38 -20.52 43.46
CA TYR B 304 -0.84 -20.35 42.07
C TYR B 304 -0.75 -18.96 41.41
N ILE B 305 -0.93 -17.87 42.17
CA ILE B 305 -0.98 -16.54 41.56
C ILE B 305 0.40 -15.93 41.29
N GLN B 306 1.41 -16.26 42.09
CA GLN B 306 2.79 -15.89 41.75
C GLN B 306 3.18 -16.62 40.46
N LYS B 307 2.50 -17.75 40.23
CA LYS B 307 2.58 -18.47 38.97
C LYS B 307 1.66 -17.86 37.92
N TYR B 308 0.58 -17.19 38.34
CA TYR B 308 -0.27 -16.47 37.39
C TYR B 308 0.36 -15.14 36.99
N LEU B 309 1.40 -14.69 37.69
CA LEU B 309 2.11 -13.49 37.26
C LEU B 309 2.81 -13.78 35.89
N MET B 310 2.29 -14.81 35.19
CA MET B 310 2.73 -15.30 33.87
C MET B 310 1.71 -15.13 32.74
N ALA B 311 0.47 -14.79 33.07
CA ALA B 311 -0.47 -14.26 32.08
C ALA B 311 0.11 -12.98 31.50
N ALA B 312 0.97 -12.33 32.28
CA ALA B 312 1.74 -11.18 31.84
C ALA B 312 2.74 -11.52 30.75
N ARG B 313 3.05 -12.81 30.63
CA ARG B 313 3.96 -13.31 29.61
C ARG B 313 3.17 -13.55 28.34
N GLU B 314 1.92 -13.98 28.49
CA GLU B 314 1.04 -14.29 27.37
C GLU B 314 0.84 -13.03 26.51
N ARG B 315 0.70 -11.86 27.15
CA ARG B 315 0.64 -10.59 26.42
C ARG B 315 1.92 -10.30 25.62
N LYS B 316 3.05 -10.68 26.18
CA LYS B 316 4.35 -10.50 25.53
C LYS B 316 4.52 -11.46 24.35
N ALA B 317 3.88 -12.63 24.44
CA ALA B 317 3.84 -13.58 23.33
C ALA B 317 3.06 -13.05 22.13
N THR B 318 2.21 -12.05 22.36
CA THR B 318 1.61 -11.27 21.29
C THR B 318 2.63 -10.35 20.60
N LYS B 319 3.43 -9.65 21.40
CA LYS B 319 4.46 -8.74 20.89
C LYS B 319 5.45 -9.37 19.92
N THR B 320 5.68 -10.67 20.07
CA THR B 320 6.57 -11.41 19.18
C THR B 320 6.03 -11.52 17.76
N LEU B 321 4.71 -11.64 17.63
CA LEU B 321 4.06 -11.56 16.33
C LEU B 321 4.18 -10.14 15.78
N GLY B 322 4.13 -9.15 16.67
CA GLY B 322 4.44 -7.77 16.33
C GLY B 322 5.84 -7.54 15.81
N ILE B 323 6.79 -8.31 16.32
CA ILE B 323 8.18 -8.26 15.86
C ILE B 323 8.33 -8.97 14.51
N ILE B 324 7.57 -10.03 14.30
CA ILE B 324 7.49 -10.68 12.98
C ILE B 324 6.95 -9.69 11.95
N LEU B 325 5.79 -9.11 12.25
CA LEU B 325 5.21 -8.04 11.44
C LEU B 325 6.23 -6.92 11.20
N GLY B 326 6.91 -6.50 12.25
CA GLY B 326 7.91 -5.45 12.16
C GLY B 326 9.07 -5.78 11.24
N ALA B 327 9.64 -6.97 11.44
CA ALA B 327 10.70 -7.47 10.57
C ALA B 327 10.23 -7.68 9.14
N PHE B 328 9.12 -8.41 9.00
CA PHE B 328 8.48 -8.67 7.71
C PHE B 328 8.36 -7.41 6.87
N ILE B 329 7.94 -6.31 7.49
CA ILE B 329 7.74 -5.06 6.78
C ILE B 329 9.06 -4.49 6.30
N VAL B 330 9.99 -4.29 7.23
CA VAL B 330 11.33 -3.80 6.92
C VAL B 330 12.00 -4.65 5.83
N CYS B 331 11.74 -5.95 5.83
CA CYS B 331 12.25 -6.80 4.77
C CYS B 331 11.67 -6.50 3.39
N TRP B 332 10.34 -6.66 3.26
CA TRP B 332 9.71 -6.53 1.95
C TRP B 332 9.32 -5.11 1.51
N LEU B 333 8.81 -4.30 2.43
CA LEU B 333 8.33 -2.95 2.09
C LEU B 333 9.31 -2.12 1.25
N PRO B 334 10.58 -1.95 1.70
CA PRO B 334 11.55 -1.20 0.89
C PRO B 334 11.61 -1.65 -0.57
N PHE B 335 11.44 -2.94 -0.83
CA PHE B 335 11.31 -3.41 -2.20
C PHE B 335 10.09 -2.80 -2.88
N PHE B 336 8.95 -2.87 -2.21
CA PHE B 336 7.70 -2.36 -2.76
C PHE B 336 7.58 -0.83 -2.76
N ILE B 337 8.33 -0.16 -1.90
CA ILE B 337 8.49 1.28 -2.00
C ILE B 337 9.21 1.61 -3.28
N ILE B 338 10.41 1.04 -3.35
CA ILE B 338 11.40 1.30 -4.37
C ILE B 338 10.95 0.82 -5.76
N SER B 339 10.25 -0.33 -5.83
CA SER B 339 9.78 -0.91 -7.11
C SER B 339 8.88 0.02 -7.94
N LEU B 340 8.08 0.85 -7.28
CA LEU B 340 7.16 1.77 -7.96
C LEU B 340 7.89 3.02 -8.45
N VAL B 341 8.91 3.44 -7.72
CA VAL B 341 9.77 4.57 -8.09
C VAL B 341 10.87 4.17 -9.08
N MET B 342 11.09 2.87 -9.27
CA MET B 342 12.14 2.40 -10.19
C MET B 342 12.04 2.94 -11.62
N PRO B 343 10.86 2.85 -12.27
CA PRO B 343 10.74 3.39 -13.63
C PRO B 343 11.27 4.82 -13.81
N ILE B 344 10.99 5.70 -12.85
CA ILE B 344 11.54 7.05 -12.85
C ILE B 344 13.01 7.03 -12.43
N CYS B 345 13.28 6.56 -11.21
CA CYS B 345 14.64 6.49 -10.69
C CYS B 345 15.50 5.53 -11.49
N PHE B 351 24.26 2.10 -10.38
CA PHE B 351 24.10 1.85 -8.94
C PHE B 351 22.69 1.63 -8.46
N HIS B 352 21.74 2.29 -9.10
CA HIS B 352 20.36 2.16 -8.67
C HIS B 352 19.83 0.74 -8.83
N LEU B 353 20.25 0.03 -9.86
CA LEU B 353 19.81 -1.34 -10.06
C LEU B 353 20.44 -2.32 -9.06
N ALA B 354 21.57 -1.92 -8.50
CA ALA B 354 22.23 -2.68 -7.44
C ALA B 354 21.35 -2.76 -6.20
N ILE B 355 20.82 -1.62 -5.77
CA ILE B 355 19.98 -1.56 -4.59
C ILE B 355 18.58 -2.19 -4.82
N PHE B 356 18.08 -2.22 -6.05
CA PHE B 356 16.85 -2.98 -6.34
C PHE B 356 17.05 -4.47 -6.12
N ASP B 357 18.20 -4.96 -6.58
CA ASP B 357 18.63 -6.33 -6.31
C ASP B 357 18.78 -6.56 -4.81
N PHE B 358 19.20 -5.52 -4.09
CA PHE B 358 19.38 -5.62 -2.64
C PHE B 358 18.09 -5.88 -1.85
N PHE B 359 17.07 -5.06 -2.09
CA PHE B 359 15.82 -5.20 -1.34
C PHE B 359 15.01 -6.44 -1.75
N THR B 360 15.38 -7.06 -2.87
CA THR B 360 14.88 -8.40 -3.19
C THR B 360 15.46 -9.44 -2.24
N TRP B 361 16.76 -9.31 -1.98
CA TRP B 361 17.43 -10.18 -1.02
C TRP B 361 17.04 -9.86 0.42
N LEU B 362 16.94 -8.57 0.73
CA LEU B 362 16.42 -8.13 2.02
C LEU B 362 15.01 -8.66 2.23
N GLY B 363 14.24 -8.73 1.15
CA GLY B 363 12.91 -9.34 1.16
C GLY B 363 12.94 -10.84 1.36
N TYR B 364 13.87 -11.51 0.67
CA TYR B 364 14.08 -12.95 0.83
C TYR B 364 14.58 -13.28 2.24
N LEU B 365 15.31 -12.33 2.81
CA LEU B 365 15.83 -12.43 4.17
C LEU B 365 14.74 -12.70 5.23
N ASN B 366 13.51 -12.34 4.92
CA ASN B 366 12.38 -12.66 5.78
C ASN B 366 12.22 -14.16 5.96
N SER B 367 12.36 -14.91 4.87
CA SER B 367 12.27 -16.37 4.92
C SER B 367 13.28 -16.98 5.89
N LEU B 368 14.40 -16.30 6.09
CA LEU B 368 15.35 -16.66 7.14
C LEU B 368 14.88 -16.15 8.51
N ILE B 369 14.44 -14.90 8.55
CA ILE B 369 14.07 -14.22 9.80
C ILE B 369 12.78 -14.78 10.45
N ASN B 370 11.86 -15.32 9.65
CA ASN B 370 10.65 -15.90 10.22
C ASN B 370 10.88 -17.08 11.17
N PRO B 371 11.59 -18.14 10.72
CA PRO B 371 11.83 -19.25 11.65
C PRO B 371 12.75 -18.93 12.84
N ILE B 372 13.70 -18.00 12.70
CA ILE B 372 14.63 -17.70 13.80
C ILE B 372 13.94 -16.97 14.93
N ILE B 373 12.90 -16.20 14.61
CA ILE B 373 12.08 -15.53 15.61
C ILE B 373 11.32 -16.55 16.47
N TYR B 374 10.62 -17.47 15.84
CA TYR B 374 9.97 -18.59 16.54
C TYR B 374 10.89 -19.30 17.53
N THR B 375 12.15 -19.51 17.14
CA THR B 375 13.11 -20.11 18.05
C THR B 375 13.42 -19.20 19.23
N MET B 376 13.72 -17.93 18.95
CA MET B 376 14.00 -16.94 20.00
C MET B 376 12.79 -16.62 20.88
N SER B 377 11.62 -16.50 20.26
CA SER B 377 10.38 -16.15 20.95
C SER B 377 9.78 -17.35 21.66
N ASN B 378 9.48 -18.38 20.87
CA ASN B 378 8.76 -19.55 21.38
C ASN B 378 9.69 -20.46 22.18
N GLU B 379 9.22 -20.83 23.38
CA GLU B 379 10.00 -21.63 24.31
C GLU B 379 9.98 -23.12 23.97
N ASP B 380 9.02 -23.52 23.14
CA ASP B 380 8.97 -24.91 22.67
C ASP B 380 10.14 -25.19 21.74
N PHE B 381 10.35 -24.29 20.78
CA PHE B 381 11.44 -24.40 19.82
C PHE B 381 12.81 -24.13 20.44
N LYS B 382 12.90 -23.15 21.34
CA LYS B 382 14.16 -22.83 22.01
C LYS B 382 14.75 -24.04 22.75
N GLN B 383 13.90 -24.80 23.43
CA GLN B 383 14.35 -26.03 24.09
C GLN B 383 14.60 -27.15 23.09
N ALA B 384 13.78 -27.23 22.03
CA ALA B 384 14.08 -28.13 20.93
C ALA B 384 15.45 -27.81 20.32
N PHE B 385 15.77 -26.52 20.28
CA PHE B 385 17.03 -25.99 19.72
C PHE B 385 18.22 -26.29 20.63
N HIS B 386 18.07 -25.96 21.92
CA HIS B 386 19.08 -26.26 22.93
C HIS B 386 19.38 -27.75 23.01
N LYS B 387 18.37 -28.55 22.71
CA LYS B 387 18.49 -29.99 22.75
C LYS B 387 19.33 -30.55 21.61
N LEU B 388 19.12 -30.01 20.41
CA LEU B 388 19.83 -30.47 19.23
C LEU B 388 21.33 -30.29 19.40
N ILE B 389 21.76 -29.04 19.60
CA ILE B 389 23.19 -28.77 19.76
C ILE B 389 23.73 -29.14 21.16
N ARG B 390 22.83 -29.52 22.05
CA ARG B 390 23.10 -29.90 23.44
C ARG B 390 23.67 -28.78 24.34
N PHE B 391 23.21 -27.54 24.21
CA PHE B 391 23.67 -26.52 25.15
C PHE B 391 23.08 -26.59 26.55
N LYS B 392 21.92 -27.21 26.64
CA LYS B 392 21.14 -27.35 27.88
C LYS B 392 20.76 -28.81 28.01
N CYS B 393 20.96 -29.40 29.18
CA CYS B 393 20.66 -30.81 29.32
C CYS B 393 19.18 -31.10 29.37
C7 89F C . -11.28 7.33 1.95
C6 89F C . -11.85 7.91 4.81
C10 89F C . -10.63 8.38 2.71
C9 89F C . -11.13 6.24 6.57
C4 89F C . -10.97 3.89 6.03
C2 89F C . -11.54 6.51 5.25
N1 89F C . -12.31 8.68 5.99
N2 89F C . -13.70 10.77 7.41
C1 89F C . -11.65 5.50 4.34
C3 89F C . -11.36 4.18 4.72
C5 89F C . -14.11 11.33 8.73
C8 89F C . -9.32 3.07 8.35
C11 89F C . -14.27 9.42 7.26
C12 89F C . -10.84 4.92 6.96
C13 89F C . -11.25 7.42 0.55
C14 89F C . -11.76 10.03 6.03
C15 89F C . -10.62 8.48 -0.09
C16 89F C . -10.01 9.43 2.01
C17 89F C . -13.78 8.76 5.98
C18 89F C . -12.23 10.76 7.30
C19 89F C . -10.01 9.48 0.63
C20 89F C . -10.58 8.46 4.23
S1 89F C . -10.34 4.56 8.68
S2 89F C . -12.13 5.79 2.60
C7 89F D . 5.48 -10.58 -3.80
C6 89F D . 7.64 -9.90 -5.75
C10 89F D . 6.80 -10.14 -3.42
C9 89F D . 7.38 -7.84 -7.21
C4 89F D . 5.18 -7.03 -7.78
C2 89F D . 6.80 -8.89 -6.47
N1 89F D . 8.97 -9.95 -6.41
N2 89F D . 11.47 -11.17 -7.24
C1 89F D . 5.43 -9.00 -6.39
C3 89F D . 4.61 -8.05 -7.04
C5 89F D . 12.73 -11.03 -8.01
C8 89F D . 6.06 -4.27 -8.53
C11 89F D . 10.32 -11.04 -8.17
C12 89F D . 6.56 -6.91 -7.87
C13 89F D . 4.73 -11.27 -2.84
C14 89F D . 10.04 -10.18 -5.45
C15 89F D . 5.22 -11.52 -1.58
C16 89F D . 7.27 -10.42 -2.13
C17 89F D . 9.00 -11.04 -7.40
C18 89F D . 11.41 -10.18 -6.15
C19 89F D . 6.48 -11.10 -1.22
C20 89F D . 7.76 -9.40 -4.34
S1 89F D . 7.32 -5.57 -8.85
S2 89F D . 4.59 -10.30 -5.42
#